data_3UIZ
#
_entry.id   3UIZ
#
_cell.length_a   52.660
_cell.length_b   87.960
_cell.length_c   211.750
_cell.angle_alpha   90.00
_cell.angle_beta   90.00
_cell.angle_gamma   90.00
#
_symmetry.space_group_name_H-M   'P 21 21 21'
#
_entity_poly.entity_id   1
_entity_poly.type   'polypeptide(L)'
_entity_poly.pdbx_seq_one_letter_code
;MGSHHHHHHGSLKLMIKINEAVFYDRITSNKIIGTGHLFNREGKKILISSSLEKIKNTPGAYIIRGQNNSAHKLRIRIGG
EDWQPDNSGIGMVSHSDFTNEFNIYFFGNGDIPVDTYLISIYATEIELDNKQGFVGNKAVVQAAVTIAAKLN
;
_entity_poly.pdbx_strand_id   A,B,C,D,E,F
#
# COMPACT_ATOMS: atom_id res chain seq x y z
N LEU A 12 11.06 16.34 -5.57
CA LEU A 12 10.36 15.33 -6.40
C LEU A 12 9.90 14.12 -5.56
N LYS A 13 8.60 13.83 -5.64
CA LYS A 13 7.98 12.67 -4.98
C LYS A 13 6.97 11.82 -5.80
N LEU A 14 6.82 10.56 -5.36
CA LEU A 14 6.03 9.57 -6.09
C LEU A 14 4.98 8.84 -5.26
N MET A 15 3.83 8.65 -5.89
CA MET A 15 2.69 7.87 -5.41
C MET A 15 2.33 6.77 -6.38
N ILE A 16 1.78 5.69 -5.83
CA ILE A 16 1.43 4.50 -6.57
C ILE A 16 0.14 3.97 -5.98
N LYS A 17 -0.75 3.53 -6.85
CA LYS A 17 -2.10 3.16 -6.44
C LYS A 17 -2.44 1.85 -7.08
N ILE A 18 -2.26 0.77 -6.34
CA ILE A 18 -2.66 -0.55 -6.81
C ILE A 18 -4.18 -0.62 -6.81
N ASN A 19 -4.76 -1.21 -7.86
CA ASN A 19 -6.21 -1.31 -8.03
C ASN A 19 -6.84 -2.58 -7.53
N GLU A 20 -7.74 -2.46 -6.55
CA GLU A 20 -8.50 -3.61 -6.11
C GLU A 20 -9.33 -4.14 -7.30
N ALA A 21 -9.40 -5.46 -7.46
CA ALA A 21 -10.12 -6.11 -8.58
C ALA A 21 -10.09 -7.64 -8.52
N VAL A 22 -10.95 -8.25 -9.32
CA VAL A 22 -10.99 -9.70 -9.39
C VAL A 22 -10.81 -10.14 -10.86
N PHE A 23 -10.07 -11.23 -11.06
CA PHE A 23 -9.81 -11.72 -12.38
C PHE A 23 -10.43 -13.08 -12.54
N TYR A 24 -11.62 -13.09 -13.13
CA TYR A 24 -12.45 -14.28 -13.15
C TYR A 24 -11.97 -15.33 -14.13
N ASP A 25 -11.14 -14.90 -15.08
CA ASP A 25 -10.60 -15.81 -16.09
C ASP A 25 -9.09 -15.56 -16.11
N ARG A 26 -8.47 -15.85 -17.24
CA ARG A 26 -7.02 -15.66 -17.40
C ARG A 26 -6.48 -14.27 -17.14
N ILE A 27 -5.20 -14.19 -16.79
CA ILE A 27 -4.54 -12.91 -16.55
C ILE A 27 -3.90 -12.50 -17.86
N THR A 28 -4.73 -11.94 -18.75
CA THR A 28 -4.28 -11.53 -20.07
C THR A 28 -3.11 -10.62 -19.78
N SER A 29 -1.98 -10.89 -20.42
CA SER A 29 -0.76 -10.11 -20.17
C SER A 29 -1.10 -8.69 -20.62
N ASN A 30 -0.33 -7.72 -20.15
CA ASN A 30 -0.60 -6.29 -20.42
C ASN A 30 -1.90 -5.71 -19.85
N LYS A 31 -2.47 -6.39 -18.85
CA LYS A 31 -3.55 -5.81 -18.06
C LYS A 31 -2.99 -4.86 -17.02
N ILE A 32 -3.66 -3.71 -16.88
CA ILE A 32 -3.29 -2.70 -15.91
C ILE A 32 -3.78 -3.17 -14.55
N ILE A 33 -2.99 -2.95 -13.52
CA ILE A 33 -3.34 -3.44 -12.21
C ILE A 33 -2.97 -2.42 -11.13
N GLY A 34 -2.17 -1.44 -11.51
CA GLY A 34 -1.92 -0.31 -10.64
C GLY A 34 -1.54 0.89 -11.47
N THR A 35 -1.79 2.09 -10.92
CA THR A 35 -1.26 3.35 -11.49
C THR A 35 -0.28 4.05 -10.55
N GLY A 36 0.70 4.71 -11.16
CA GLY A 36 1.64 5.55 -10.46
C GLY A 36 1.45 7.00 -10.84
N HIS A 37 1.24 7.85 -9.84
CA HIS A 37 1.16 9.29 -10.08
C HIS A 37 2.48 9.93 -9.77
N LEU A 38 2.80 11.01 -10.44
CA LEU A 38 4.09 11.66 -10.30
C LEU A 38 3.93 13.15 -9.94
N PHE A 39 4.80 13.68 -9.09
CA PHE A 39 4.55 15.02 -8.60
C PHE A 39 5.84 15.80 -8.39
N ASN A 40 5.81 17.09 -8.69
CA ASN A 40 6.93 17.99 -8.36
C ASN A 40 8.12 17.97 -9.31
N ARG A 41 7.92 17.33 -10.46
CA ARG A 41 8.82 17.35 -11.59
C ARG A 41 8.14 18.23 -12.62
N GLU A 42 8.71 19.40 -12.86
CA GLU A 42 8.04 20.39 -13.69
C GLU A 42 8.88 20.61 -14.92
N GLY A 43 10.19 20.51 -14.76
CA GLY A 43 11.10 20.64 -15.87
C GLY A 43 12.13 19.52 -15.95
N LYS A 44 11.77 18.32 -15.50
CA LYS A 44 12.76 17.24 -15.51
C LYS A 44 12.38 16.01 -16.32
N LYS A 45 13.31 15.53 -17.14
CA LYS A 45 13.16 14.26 -17.84
C LYS A 45 13.34 13.18 -16.79
N ILE A 46 12.33 12.32 -16.63
CA ILE A 46 12.28 11.42 -15.51
C ILE A 46 12.51 9.98 -15.96
N LEU A 47 13.54 9.35 -15.40
CA LEU A 47 13.74 7.94 -15.58
C LEU A 47 12.89 7.19 -14.56
N ILE A 48 12.46 5.99 -14.93
CA ILE A 48 11.51 5.25 -14.14
C ILE A 48 11.99 3.79 -14.11
N SER A 49 12.39 3.31 -12.94
CA SER A 49 12.92 1.95 -12.84
C SER A 49 12.71 1.31 -11.47
N SER A 50 13.09 0.03 -11.35
CA SER A 50 12.98 -0.71 -10.11
C SER A 50 14.33 -1.28 -9.76
N SER A 51 14.49 -1.70 -8.50
CA SER A 51 15.68 -2.42 -8.07
C SER A 51 15.35 -3.90 -7.80
N LEU A 52 14.16 -4.32 -8.24
CA LEU A 52 13.83 -5.74 -8.24
C LEU A 52 14.61 -6.44 -9.34
N GLU A 53 14.49 -7.78 -9.38
CA GLU A 53 15.12 -8.58 -10.41
C GLU A 53 14.53 -8.09 -11.72
N LYS A 54 15.39 -7.85 -12.69
CA LYS A 54 14.97 -7.46 -14.04
C LYS A 54 14.65 -8.67 -14.90
N ILE A 55 13.59 -8.54 -15.71
CA ILE A 55 13.34 -9.49 -16.79
C ILE A 55 14.27 -9.07 -17.92
N LYS A 56 15.05 -10.01 -18.44
CA LYS A 56 16.03 -9.64 -19.42
C LYS A 56 15.37 -9.17 -20.73
N ASN A 57 14.28 -9.82 -21.14
CA ASN A 57 13.58 -9.54 -22.43
C ASN A 57 13.05 -8.12 -22.69
N THR A 58 12.79 -7.36 -21.62
CA THR A 58 12.06 -6.11 -21.75
C THR A 58 12.52 -5.09 -20.74
N PRO A 59 12.71 -3.83 -21.17
CA PRO A 59 13.00 -2.70 -20.30
C PRO A 59 11.81 -2.26 -19.49
N GLY A 60 12.01 -2.04 -18.20
CA GLY A 60 10.94 -1.62 -17.32
C GLY A 60 10.00 -2.75 -16.98
N ALA A 61 10.55 -3.97 -16.96
CA ALA A 61 9.80 -5.15 -16.60
C ALA A 61 10.66 -5.93 -15.62
N TYR A 62 10.02 -6.55 -14.63
CA TYR A 62 10.71 -6.98 -13.40
C TYR A 62 10.04 -8.21 -12.78
N ILE A 63 10.75 -8.94 -11.94
CA ILE A 63 10.21 -10.14 -11.31
C ILE A 63 10.16 -9.98 -9.80
N ILE A 64 8.98 -10.22 -9.23
CA ILE A 64 8.77 -10.09 -7.78
C ILE A 64 8.53 -11.45 -7.14
N ARG A 65 9.03 -11.63 -5.93
CA ARG A 65 8.94 -12.91 -5.24
C ARG A 65 7.92 -13.00 -4.10
N GLY A 66 7.31 -14.17 -3.98
CA GLY A 66 6.34 -14.40 -2.94
C GLY A 66 6.99 -14.07 -1.64
N GLN A 67 6.26 -13.41 -0.77
CA GLN A 67 6.75 -13.19 0.57
C GLN A 67 6.69 -14.53 1.28
N ASN A 68 5.57 -15.24 1.14
CA ASN A 68 5.42 -16.60 1.68
C ASN A 68 6.31 -17.62 1.00
N ASN A 69 6.53 -17.50 -0.31
CA ASN A 69 7.33 -18.52 -0.99
C ASN A 69 8.09 -18.05 -2.20
N SER A 70 9.33 -17.60 -1.99
CA SER A 70 10.10 -16.95 -3.06
C SER A 70 10.22 -17.70 -4.40
N ALA A 71 9.68 -18.90 -4.50
CA ALA A 71 9.55 -19.53 -5.81
C ALA A 71 8.37 -18.96 -6.59
N HIS A 72 7.40 -18.42 -5.85
CA HIS A 72 6.31 -17.68 -6.42
C HIS A 72 6.88 -16.49 -7.13
N LYS A 73 6.50 -16.34 -8.39
CA LYS A 73 6.90 -15.16 -9.15
C LYS A 73 5.71 -14.40 -9.71
N LEU A 74 5.77 -13.08 -9.64
CA LEU A 74 4.80 -12.23 -10.31
C LEU A 74 5.57 -11.28 -11.22
N ARG A 75 5.30 -11.38 -12.52
CA ARG A 75 6.08 -10.71 -13.56
C ARG A 75 5.35 -9.43 -13.99
N ILE A 76 5.90 -8.27 -13.63
CA ILE A 76 5.21 -6.99 -13.84
C ILE A 76 5.90 -6.06 -14.84
N ARG A 77 5.20 -5.04 -15.28
CA ARG A 77 5.74 -4.15 -16.30
C ARG A 77 5.28 -2.75 -16.00
N ILE A 78 6.14 -1.77 -16.25
CA ILE A 78 5.74 -0.37 -16.08
C ILE A 78 5.97 0.47 -17.32
N GLY A 79 4.94 1.20 -17.70
CA GLY A 79 4.96 1.92 -18.94
C GLY A 79 3.67 2.67 -19.00
N GLY A 80 3.46 3.37 -20.11
CA GLY A 80 2.31 4.26 -20.25
C GLY A 80 2.04 4.55 -21.71
N GLU A 81 1.45 5.73 -21.93
CA GLU A 81 1.27 6.26 -23.27
C GLU A 81 2.29 7.36 -23.50
N ASP A 82 3.02 7.72 -22.45
CA ASP A 82 4.06 8.74 -22.55
C ASP A 82 5.36 8.29 -21.90
N TRP A 83 5.67 7.01 -22.02
CA TRP A 83 6.89 6.47 -21.45
C TRP A 83 7.46 5.52 -22.44
N GLN A 84 8.75 5.61 -22.67
CA GLN A 84 9.40 4.73 -23.63
C GLN A 84 10.80 4.32 -23.21
N PRO A 85 11.20 3.09 -23.56
CA PRO A 85 12.46 2.55 -23.02
C PRO A 85 13.68 3.34 -23.46
N ASP A 86 14.72 3.36 -22.63
CA ASP A 86 16.02 3.68 -23.17
C ASP A 86 16.61 2.38 -23.69
N ASN A 87 17.49 2.49 -24.67
CA ASN A 87 18.12 1.33 -25.25
C ASN A 87 19.01 0.55 -24.29
N SER A 88 19.32 1.14 -23.14
CA SER A 88 20.18 0.49 -22.12
C SER A 88 19.49 -0.66 -21.38
N GLY A 89 18.18 -0.73 -21.53
CA GLY A 89 17.36 -1.66 -20.77
C GLY A 89 17.53 -1.34 -19.31
N ILE A 90 17.25 -0.09 -18.94
CA ILE A 90 17.38 0.31 -17.53
C ILE A 90 16.09 0.87 -16.97
N GLY A 91 15.29 1.51 -17.82
CA GLY A 91 13.97 1.97 -17.42
C GLY A 91 13.16 2.57 -18.56
N MET A 92 12.02 3.12 -18.19
CA MET A 92 11.24 3.95 -19.10
C MET A 92 11.59 5.40 -18.85
N VAL A 93 11.32 6.22 -19.86
CA VAL A 93 11.72 7.63 -19.81
C VAL A 93 10.65 8.52 -20.42
N SER A 94 10.31 9.60 -19.71
CA SER A 94 9.47 10.65 -20.29
C SER A 94 10.23 11.95 -20.49
N HIS A 95 9.91 12.62 -21.59
CA HIS A 95 10.62 13.83 -22.06
C HIS A 95 9.86 15.12 -21.86
N SER A 96 8.56 15.00 -21.58
CA SER A 96 7.66 16.14 -21.45
C SER A 96 7.20 16.35 -20.02
N ASP A 97 6.90 17.62 -19.76
CA ASP A 97 6.12 18.06 -18.65
C ASP A 97 4.70 17.81 -19.11
N PHE A 98 3.84 17.49 -18.16
CA PHE A 98 2.49 17.01 -18.43
C PHE A 98 2.25 15.51 -18.62
N THR A 99 3.29 14.71 -18.40
CA THR A 99 3.14 13.26 -18.30
C THR A 99 3.21 12.81 -16.84
N ASN A 100 2.13 13.10 -16.09
CA ASN A 100 2.07 12.83 -14.66
C ASN A 100 1.67 11.44 -14.13
N GLU A 101 1.26 10.54 -15.03
CA GLU A 101 0.83 9.16 -14.67
C GLU A 101 1.61 8.11 -15.47
N PHE A 102 1.70 6.90 -14.94
CA PHE A 102 2.18 5.77 -15.74
C PHE A 102 1.51 4.52 -15.23
N ASN A 103 1.54 3.44 -16.00
CA ASN A 103 0.81 2.25 -15.61
C ASN A 103 1.71 1.09 -15.19
N ILE A 104 1.22 0.25 -14.28
CA ILE A 104 1.86 -1.04 -13.98
C ILE A 104 1.03 -2.11 -14.67
N TYR A 105 1.67 -2.99 -15.43
CA TYR A 105 0.97 -4.05 -16.15
C TYR A 105 1.34 -5.40 -15.59
N PHE A 106 0.42 -6.35 -15.62
CA PHE A 106 0.87 -7.74 -15.51
C PHE A 106 1.53 -7.99 -16.85
N PHE A 107 2.67 -8.65 -16.80
CA PHE A 107 3.42 -9.00 -17.99
C PHE A 107 3.81 -10.45 -17.76
N GLY A 108 2.82 -11.33 -17.89
CA GLY A 108 3.05 -12.75 -17.71
C GLY A 108 2.16 -13.57 -18.62
N ASN A 109 2.19 -14.89 -18.48
CA ASN A 109 1.44 -15.77 -19.40
C ASN A 109 0.18 -16.51 -18.93
N GLY A 110 -0.06 -16.52 -17.63
CA GLY A 110 -1.26 -17.15 -17.10
C GLY A 110 -1.49 -16.56 -15.74
N ASP A 111 -2.18 -17.28 -14.86
CA ASP A 111 -2.45 -16.78 -13.51
C ASP A 111 -1.34 -17.08 -12.49
N ILE A 112 -1.20 -16.23 -11.48
CA ILE A 112 -0.15 -16.41 -10.48
C ILE A 112 -0.60 -17.06 -9.16
N PRO A 113 0.38 -17.54 -8.39
CA PRO A 113 0.16 -18.14 -7.07
C PRO A 113 -0.15 -17.07 -6.01
N VAL A 114 -1.16 -17.36 -5.20
CA VAL A 114 -1.55 -16.54 -4.08
C VAL A 114 -0.30 -16.36 -3.23
N ASP A 115 -0.06 -15.11 -2.86
CA ASP A 115 1.02 -14.72 -1.95
C ASP A 115 1.03 -13.18 -1.89
N THR A 116 1.83 -12.61 -1.00
CA THR A 116 2.13 -11.22 -1.14
C THR A 116 3.38 -10.95 -1.95
N TYR A 117 3.28 -10.00 -2.85
CA TYR A 117 4.39 -9.65 -3.69
C TYR A 117 4.70 -8.19 -3.40
N LEU A 118 5.93 -7.89 -3.04
CA LEU A 118 6.22 -6.52 -2.64
C LEU A 118 6.88 -5.80 -3.77
N ILE A 119 6.11 -4.86 -4.29
CA ILE A 119 6.43 -4.14 -5.49
C ILE A 119 7.09 -2.85 -5.04
N SER A 120 7.97 -2.32 -5.90
CA SER A 120 8.96 -1.33 -5.49
C SER A 120 9.57 -0.58 -6.67
N ILE A 121 9.10 0.63 -6.93
CA ILE A 121 9.56 1.41 -8.08
C ILE A 121 10.42 2.58 -7.63
N TYR A 122 11.12 3.22 -8.58
CA TYR A 122 11.86 4.47 -8.33
C TYR A 122 11.93 5.35 -9.59
N ALA A 123 11.97 6.68 -9.38
CA ALA A 123 12.10 7.68 -10.45
C ALA A 123 13.29 8.64 -10.17
N THR A 124 13.66 9.43 -11.18
CA THR A 124 14.81 10.39 -11.14
C THR A 124 14.76 11.38 -12.30
N GLU A 125 15.35 12.56 -12.12
CA GLU A 125 15.79 13.39 -13.25
C GLU A 125 16.94 12.64 -13.94
N ILE A 126 17.24 13.01 -15.19
CA ILE A 126 18.35 12.43 -15.95
C ILE A 126 19.01 13.39 -16.95
N VAL A 135 21.87 11.32 -13.72
CA VAL A 135 21.28 10.95 -12.43
C VAL A 135 21.07 12.17 -11.54
N GLY A 136 20.99 11.93 -10.24
CA GLY A 136 20.79 13.02 -9.26
C GLY A 136 20.61 12.33 -7.93
N ASN A 137 19.47 12.55 -7.27
CA ASN A 137 19.05 11.78 -6.06
C ASN A 137 17.64 11.16 -6.19
N LYS A 138 17.50 9.86 -5.88
CA LYS A 138 16.28 9.02 -6.23
C LYS A 138 15.05 9.10 -5.31
N ALA A 139 13.87 8.88 -5.86
CA ALA A 139 12.66 8.81 -5.05
C ALA A 139 12.14 7.39 -5.17
N VAL A 140 11.40 6.86 -4.17
CA VAL A 140 11.11 5.41 -4.06
C VAL A 140 9.81 5.03 -3.30
N VAL A 141 8.89 4.34 -3.96
CA VAL A 141 7.69 3.87 -3.29
C VAL A 141 7.68 2.35 -3.27
N GLN A 142 6.82 1.79 -2.42
CA GLN A 142 6.66 0.35 -2.31
C GLN A 142 5.23 -0.02 -1.92
N ALA A 143 4.78 -1.22 -2.27
CA ALA A 143 3.37 -1.50 -2.10
C ALA A 143 3.11 -2.98 -2.12
N ALA A 144 2.49 -3.47 -1.05
CA ALA A 144 2.16 -4.86 -0.98
C ALA A 144 1.17 -5.05 -2.10
N VAL A 145 1.38 -6.03 -2.92
CA VAL A 145 0.30 -6.36 -3.79
C VAL A 145 -0.07 -7.77 -3.38
N THR A 146 -1.29 -7.97 -2.92
CA THR A 146 -1.68 -9.31 -2.47
C THR A 146 -2.68 -9.99 -3.37
N ILE A 147 -2.40 -11.27 -3.58
CA ILE A 147 -3.17 -12.13 -4.44
C ILE A 147 -3.66 -13.29 -3.62
N ALA A 148 -4.92 -13.62 -3.84
CA ALA A 148 -5.56 -14.68 -3.08
C ALA A 148 -6.68 -15.29 -3.90
N ALA A 149 -7.34 -16.29 -3.34
CA ALA A 149 -8.25 -17.11 -4.09
C ALA A 149 -9.66 -16.99 -3.57
N LYS A 150 -10.51 -16.22 -4.27
CA LYS A 150 -11.93 -16.17 -3.94
C LYS A 150 -12.68 -17.34 -4.56
N LEU A 151 -13.35 -18.09 -3.70
CA LEU A 151 -14.44 -18.93 -4.16
C LEU A 151 -15.86 -18.49 -3.97
N ASN A 152 -16.63 -18.48 -5.05
CA ASN A 152 -18.04 -18.20 -4.99
C ASN A 152 -18.84 -19.24 -5.77
N SER B 11 35.52 43.30 4.38
CA SER B 11 36.47 42.25 4.83
C SER B 11 36.42 40.91 4.05
N LEU B 12 35.95 39.87 4.72
CA LEU B 12 35.83 38.54 4.14
C LEU B 12 34.54 37.94 4.67
N LYS B 13 33.84 37.21 3.80
CA LYS B 13 32.50 36.70 4.13
C LYS B 13 32.16 35.30 3.58
N LEU B 14 31.66 34.43 4.46
CA LEU B 14 31.49 33.00 4.20
C LEU B 14 30.03 32.54 4.27
N MET B 15 29.55 31.92 3.20
CA MET B 15 28.13 31.54 3.10
C MET B 15 27.87 30.02 2.94
N ILE B 16 26.97 29.47 3.78
CA ILE B 16 26.58 28.07 3.66
C ILE B 16 25.29 27.93 2.83
N LYS B 17 24.92 26.68 2.54
CA LYS B 17 23.65 26.33 1.90
C LYS B 17 23.51 24.82 2.04
N ILE B 18 22.44 24.41 2.71
CA ILE B 18 22.15 22.99 2.95
C ILE B 18 21.14 22.48 1.92
N ASN B 19 21.41 21.30 1.37
CA ASN B 19 20.62 20.73 0.28
C ASN B 19 19.58 19.75 0.82
N GLU B 20 18.35 20.23 0.97
CA GLU B 20 17.22 19.39 1.37
C GLU B 20 17.11 18.12 0.52
N ALA B 21 16.88 16.99 1.18
CA ALA B 21 17.02 15.70 0.54
C ALA B 21 16.25 14.64 1.29
N VAL B 22 15.94 13.54 0.59
CA VAL B 22 15.33 12.36 1.22
C VAL B 22 16.03 11.06 0.86
N PHE B 23 16.74 10.48 1.82
CA PHE B 23 17.36 9.21 1.60
C PHE B 23 16.42 8.06 1.92
N TYR B 24 16.27 7.14 0.96
CA TYR B 24 15.44 5.95 1.13
C TYR B 24 16.46 4.84 1.16
N ASP B 25 17.73 5.23 1.20
CA ASP B 25 18.82 4.28 1.25
C ASP B 25 19.53 4.45 2.58
N ARG B 26 20.81 4.07 2.62
CA ARG B 26 21.66 4.28 3.78
C ARG B 26 22.70 5.29 3.34
N ILE B 27 22.84 6.38 4.10
CA ILE B 27 23.54 7.51 3.54
C ILE B 27 24.97 7.11 3.19
N THR B 28 25.27 7.23 1.90
CA THR B 28 26.61 7.07 1.38
C THR B 28 27.59 7.97 2.10
N SER B 29 28.70 7.39 2.55
CA SER B 29 29.75 8.18 3.14
C SER B 29 30.28 9.03 2.01
N ASN B 30 30.69 10.25 2.34
CA ASN B 30 31.11 11.25 1.35
C ASN B 30 30.00 11.59 0.36
N LYS B 31 28.78 11.74 0.86
CA LYS B 31 27.70 12.24 0.05
C LYS B 31 27.75 13.70 0.35
N ILE B 32 27.69 14.53 -0.70
CA ILE B 32 27.60 15.97 -0.53
C ILE B 32 26.28 16.26 0.15
N ILE B 33 26.38 16.90 1.30
CA ILE B 33 25.20 17.26 2.08
C ILE B 33 24.92 18.78 2.11
N GLY B 34 25.97 19.57 2.07
CA GLY B 34 25.82 21.00 2.05
C GLY B 34 26.96 21.62 1.27
N THR B 35 26.90 22.93 1.08
CA THR B 35 27.93 23.64 0.34
C THR B 35 28.23 25.00 0.97
N GLY B 36 29.40 25.55 0.66
CA GLY B 36 29.80 26.85 1.18
C GLY B 36 30.45 27.72 0.14
N HIS B 37 30.26 29.02 0.26
CA HIS B 37 30.77 29.97 -0.71
C HIS B 37 31.49 31.05 0.01
N LEU B 38 32.74 31.27 -0.41
CA LEU B 38 33.60 32.29 0.18
C LEU B 38 33.41 33.54 -0.66
N PHE B 39 33.38 34.69 -0.01
CA PHE B 39 33.03 35.91 -0.71
C PHE B 39 33.97 36.94 -0.11
N ASN B 40 34.49 37.82 -0.96
CA ASN B 40 35.44 38.85 -0.51
C ASN B 40 36.91 38.43 -0.30
N ARG B 41 37.14 37.13 -0.44
CA ARG B 41 38.45 36.51 -0.30
C ARG B 41 39.40 36.44 -1.47
N GLU B 42 39.95 37.58 -1.86
CA GLU B 42 40.88 37.65 -2.98
C GLU B 42 42.33 37.97 -2.58
N GLY B 43 43.25 37.15 -3.08
CA GLY B 43 44.67 37.32 -2.78
C GLY B 43 45.19 36.88 -1.43
N LYS B 44 44.26 36.57 -0.51
CA LYS B 44 44.63 36.12 0.83
C LYS B 44 44.47 34.62 0.68
N LYS B 45 45.52 33.88 1.01
CA LYS B 45 45.46 32.42 1.06
C LYS B 45 44.67 31.89 2.26
N ILE B 46 43.85 30.89 2.00
CA ILE B 46 42.66 30.59 2.81
C ILE B 46 42.67 29.24 3.54
N LEU B 47 42.62 29.28 4.87
CA LEU B 47 42.33 28.07 5.64
C LEU B 47 40.84 27.92 5.90
N ILE B 48 40.44 26.74 6.34
CA ILE B 48 39.06 26.46 6.56
C ILE B 48 39.04 25.38 7.62
N SER B 49 38.26 25.60 8.67
CA SER B 49 38.20 24.79 9.87
C SER B 49 36.97 24.95 10.72
N SER B 50 37.01 24.41 11.93
CA SER B 50 35.86 24.38 12.83
C SER B 50 36.41 24.16 14.24
N SER B 51 35.62 24.61 15.23
CA SER B 51 35.94 24.42 16.63
C SER B 51 35.38 23.09 17.13
N LEU B 52 34.41 22.56 16.41
CA LEU B 52 33.75 21.33 16.83
C LEU B 52 34.78 20.22 17.10
N GLU B 53 34.33 19.18 17.78
CA GLU B 53 35.18 18.04 18.07
C GLU B 53 35.73 17.47 16.78
N LYS B 54 37.05 17.37 16.72
CA LYS B 54 37.75 16.86 15.55
C LYS B 54 37.78 15.33 15.56
N ILE B 55 37.49 14.73 14.40
CA ILE B 55 37.72 13.31 14.16
C ILE B 55 39.23 13.06 14.02
N LYS B 56 39.77 12.43 15.06
CA LYS B 56 41.20 12.20 15.17
C LYS B 56 41.80 11.77 13.84
N ASN B 57 41.27 10.67 13.31
CA ASN B 57 41.83 10.00 12.14
C ASN B 57 41.96 10.81 10.84
N THR B 58 41.21 11.91 10.69
CA THR B 58 41.05 12.57 9.40
C THR B 58 40.86 14.08 9.52
N PRO B 59 41.59 14.88 8.71
CA PRO B 59 41.55 16.35 8.85
C PRO B 59 40.43 17.06 8.10
N GLY B 60 40.05 18.22 8.61
CA GLY B 60 38.90 18.96 8.09
C GLY B 60 37.70 18.07 8.31
N ALA B 61 37.76 17.30 9.38
CA ALA B 61 36.71 16.33 9.70
C ALA B 61 36.28 16.47 11.14
N TYR B 62 34.97 16.45 11.36
CA TYR B 62 34.41 16.85 12.64
C TYR B 62 33.14 16.10 13.01
N ILE B 63 32.88 16.08 14.32
CA ILE B 63 31.65 15.54 14.87
C ILE B 63 30.70 16.64 15.31
N ILE B 64 29.44 16.57 14.91
CA ILE B 64 28.44 17.35 15.61
C ILE B 64 27.57 16.43 16.42
N ARG B 65 27.16 16.89 17.60
CA ARG B 65 26.30 16.12 18.47
C ARG B 65 24.92 16.74 18.51
N GLY B 66 23.91 15.88 18.57
CA GLY B 66 22.53 16.32 18.54
C GLY B 66 22.20 17.34 19.60
N GLN B 67 21.22 18.19 19.29
CA GLN B 67 20.70 19.16 20.25
C GLN B 67 19.84 18.53 21.36
N ASN B 68 18.99 17.57 21.00
CA ASN B 68 18.11 16.96 21.98
C ASN B 68 18.81 15.90 22.78
N ASN B 69 19.69 15.15 22.13
CA ASN B 69 20.47 14.15 22.83
C ASN B 69 21.97 14.19 22.46
N SER B 70 22.76 14.63 23.44
CA SER B 70 24.20 14.87 23.27
C SER B 70 25.03 13.69 22.78
N ALA B 71 24.46 12.48 22.86
CA ALA B 71 25.18 11.29 22.42
C ALA B 71 24.90 10.92 20.98
N HIS B 72 23.97 11.64 20.34
CA HIS B 72 23.71 11.49 18.90
C HIS B 72 24.82 12.13 18.14
N LYS B 73 25.43 11.43 17.20
CA LYS B 73 26.60 11.98 16.52
C LYS B 73 26.48 12.01 15.00
N LEU B 74 26.82 13.16 14.43
CA LEU B 74 26.76 13.33 12.98
C LEU B 74 28.13 13.70 12.47
N ARG B 75 28.76 12.78 11.74
CA ARG B 75 30.15 12.96 11.33
C ARG B 75 30.19 13.65 10.00
N ILE B 76 30.85 14.79 9.97
CA ILE B 76 30.94 15.54 8.73
C ILE B 76 32.37 15.78 8.31
N ARG B 77 32.54 16.09 7.02
CA ARG B 77 33.83 16.40 6.45
C ARG B 77 33.72 17.54 5.45
N ILE B 78 34.71 18.42 5.45
CA ILE B 78 34.71 19.56 4.54
C ILE B 78 35.98 19.49 3.71
N GLY B 79 35.84 19.05 2.46
CA GLY B 79 36.98 18.93 1.55
C GLY B 79 36.51 18.69 0.13
N GLY B 80 37.21 19.29 -0.82
CA GLY B 80 36.87 19.15 -2.22
C GLY B 80 37.48 20.24 -3.08
N GLU B 81 37.24 20.16 -4.38
CA GLU B 81 37.77 21.14 -5.32
C GLU B 81 39.27 21.28 -5.05
N ASP B 82 39.73 22.51 -4.92
CA ASP B 82 41.14 22.78 -4.67
C ASP B 82 41.57 22.69 -3.21
N TRP B 83 40.67 22.19 -2.37
CA TRP B 83 40.89 22.12 -0.94
C TRP B 83 41.58 20.85 -0.56
N GLN B 84 42.84 21.01 -0.15
CA GLN B 84 43.67 19.92 0.32
C GLN B 84 43.94 20.17 1.80
N PRO B 85 44.19 19.09 2.54
CA PRO B 85 44.38 19.18 3.99
C PRO B 85 45.79 19.62 4.36
N ASP B 86 46.00 19.87 5.65
CA ASP B 86 47.28 20.27 6.18
C ASP B 86 47.76 19.22 7.17
N ASN B 87 49.08 19.04 7.20
CA ASN B 87 49.75 18.04 8.04
C ASN B 87 49.55 18.19 9.55
N SER B 88 49.15 19.40 9.98
CA SER B 88 48.72 19.64 11.37
C SER B 88 47.38 18.95 11.59
N GLY B 89 46.61 18.84 10.51
CA GLY B 89 45.29 18.27 10.57
C GLY B 89 44.23 19.24 11.04
N ILE B 90 44.51 20.54 11.01
CA ILE B 90 43.59 21.55 11.55
C ILE B 90 42.35 21.91 10.70
N GLY B 91 42.54 21.98 9.39
CA GLY B 91 41.49 22.24 8.43
C GLY B 91 42.08 22.13 7.05
N MET B 92 41.31 22.48 6.03
CA MET B 92 41.83 22.46 4.66
C MET B 92 42.21 23.80 4.03
N VAL B 93 43.24 23.79 3.17
CA VAL B 93 43.68 25.03 2.56
C VAL B 93 43.47 25.19 1.05
N SER B 94 42.73 26.24 0.68
CA SER B 94 42.57 26.61 -0.72
C SER B 94 43.68 27.53 -1.13
N HIS B 95 44.08 27.45 -2.41
CA HIS B 95 45.16 28.28 -2.92
C HIS B 95 44.80 29.22 -4.03
N SER B 96 44.12 28.71 -5.05
CA SER B 96 43.67 29.54 -6.16
C SER B 96 42.54 30.47 -5.68
N ASP B 97 42.63 31.75 -6.00
CA ASP B 97 41.58 32.72 -5.64
C ASP B 97 40.36 32.77 -6.58
N PHE B 98 40.18 31.70 -7.35
CA PHE B 98 39.01 31.55 -8.19
C PHE B 98 38.23 30.40 -7.59
N THR B 99 38.76 29.87 -6.48
CA THR B 99 38.10 28.82 -5.72
C THR B 99 37.27 29.53 -4.66
N ASN B 100 35.96 29.56 -4.88
CA ASN B 100 35.09 30.46 -4.15
C ASN B 100 34.06 29.59 -3.45
N GLU B 101 34.31 28.27 -3.36
CA GLU B 101 33.42 27.36 -2.61
C GLU B 101 34.17 26.12 -2.09
N PHE B 102 33.41 25.23 -1.46
CA PHE B 102 33.86 23.93 -0.96
C PHE B 102 32.61 23.09 -0.71
N ASN B 103 32.77 21.91 -0.11
CA ASN B 103 31.63 21.05 0.19
C ASN B 103 31.55 20.58 1.63
N ILE B 104 30.33 20.23 2.03
CA ILE B 104 30.09 19.53 3.28
C ILE B 104 29.70 18.07 2.98
N TYR B 105 30.54 17.16 3.46
CA TYR B 105 30.36 15.74 3.21
C TYR B 105 29.86 15.04 4.44
N PHE B 106 29.00 14.07 4.22
CA PHE B 106 28.68 13.15 5.28
C PHE B 106 29.86 12.22 5.43
N PHE B 107 30.16 11.82 6.67
CA PHE B 107 31.37 11.05 6.90
C PHE B 107 31.31 9.94 7.95
N GLY B 108 30.10 9.50 8.30
CA GLY B 108 29.93 8.25 9.06
C GLY B 108 29.74 7.09 8.10
N ASN B 109 29.63 5.87 8.61
CA ASN B 109 29.46 4.69 7.76
C ASN B 109 28.01 4.21 7.61
N GLY B 110 27.05 5.15 7.67
CA GLY B 110 25.65 4.82 7.54
C GLY B 110 24.75 5.98 7.93
N ASP B 111 23.46 5.70 8.10
CA ASP B 111 22.49 6.75 8.41
C ASP B 111 22.70 7.43 9.76
N ILE B 112 22.08 8.60 9.95
CA ILE B 112 22.17 9.33 11.22
C ILE B 112 20.99 9.06 12.17
N PRO B 113 21.19 9.40 13.44
CA PRO B 113 20.14 9.31 14.45
C PRO B 113 19.32 10.57 14.30
N VAL B 114 18.01 10.48 14.52
CA VAL B 114 17.13 11.60 14.21
C VAL B 114 17.38 12.66 15.28
N ASP B 115 17.94 13.79 14.85
CA ASP B 115 18.12 14.98 15.72
C ASP B 115 18.43 16.21 14.86
N THR B 116 18.52 17.38 15.49
CA THR B 116 19.00 18.55 14.79
C THR B 116 20.47 18.68 15.17
N TYR B 117 21.32 18.95 14.19
CA TYR B 117 22.75 19.02 14.46
C TYR B 117 23.30 20.34 14.00
N LEU B 118 24.22 20.93 14.78
CA LEU B 118 24.58 22.33 14.60
C LEU B 118 25.95 22.67 14.06
N ILE B 119 26.00 22.84 12.75
CA ILE B 119 27.26 22.98 12.07
C ILE B 119 27.84 24.37 12.11
N SER B 120 29.04 24.44 12.68
CA SER B 120 29.76 25.69 12.90
C SER B 120 31.13 25.65 12.18
N ILE B 121 31.28 26.46 11.12
CA ILE B 121 32.51 26.54 10.28
C ILE B 121 33.13 27.96 10.26
N TYR B 122 34.41 28.10 10.64
CA TYR B 122 35.17 29.36 10.52
C TYR B 122 36.26 29.29 9.47
N ALA B 123 36.74 30.46 9.03
CA ALA B 123 37.65 30.57 7.89
C ALA B 123 38.52 31.84 7.85
N THR B 124 39.85 31.72 8.06
CA THR B 124 40.81 32.87 8.02
C THR B 124 41.79 32.89 6.83
N GLU B 125 42.21 34.07 6.41
CA GLU B 125 43.28 34.19 5.42
C GLU B 125 44.60 33.97 6.13
N ILE B 126 45.66 33.68 5.39
CA ILE B 126 46.89 33.34 6.08
C ILE B 126 48.19 33.35 5.27
N GLU B 127 49.31 33.11 5.97
CA GLU B 127 50.65 33.12 5.39
C GLU B 127 51.64 32.37 6.26
N GLY B 136 44.73 36.51 10.28
CA GLY B 136 43.96 37.69 9.87
C GLY B 136 42.79 37.93 10.81
N ASN B 137 41.65 38.35 10.23
CA ASN B 137 40.41 38.63 10.98
C ASN B 137 39.32 37.56 10.79
N LYS B 138 38.93 36.90 11.88
CA LYS B 138 38.22 35.61 11.80
C LYS B 138 36.73 35.70 11.45
N ALA B 139 36.32 34.91 10.47
CA ALA B 139 34.92 34.86 10.07
C ALA B 139 34.32 33.51 10.44
N VAL B 140 32.99 33.41 10.44
CA VAL B 140 32.32 32.22 10.92
C VAL B 140 31.05 31.96 10.17
N VAL B 141 30.43 30.82 10.47
CA VAL B 141 29.06 30.51 10.05
C VAL B 141 28.55 29.34 10.90
N GLN B 142 27.24 29.24 11.00
CA GLN B 142 26.62 28.12 11.63
C GLN B 142 25.35 27.82 10.93
N ALA B 143 24.94 26.57 11.03
CA ALA B 143 23.78 26.10 10.34
C ALA B 143 23.32 24.86 11.09
N ALA B 144 22.01 24.75 11.23
CA ALA B 144 21.40 23.60 11.82
C ALA B 144 21.04 22.63 10.74
N VAL B 145 21.49 21.39 10.91
CA VAL B 145 21.06 20.32 10.05
C VAL B 145 20.05 19.40 10.70
N THR B 146 18.83 19.38 10.16
CA THR B 146 17.72 18.60 10.74
C THR B 146 17.42 17.32 10.02
N ILE B 147 17.92 16.24 10.59
CA ILE B 147 17.54 14.92 10.14
C ILE B 147 16.21 14.58 10.80
N ALA B 148 15.25 14.13 10.00
CA ALA B 148 13.95 13.75 10.55
C ALA B 148 13.48 12.46 9.90
N ALA B 149 12.58 11.74 10.55
CA ALA B 149 12.01 10.50 9.95
C ALA B 149 10.69 10.64 9.20
N LYS B 150 10.69 10.19 7.96
CA LYS B 150 9.53 10.18 7.09
C LYS B 150 9.07 8.74 6.96
N LEU B 151 7.82 8.47 7.34
CA LEU B 151 7.20 7.19 7.02
C LEU B 151 6.09 7.25 5.99
N ASN B 152 6.43 6.85 4.77
CA ASN B 152 5.46 6.73 3.68
C ASN B 152 4.48 5.61 3.99
N LEU C 12 -18.25 -4.27 -6.57
CA LEU C 12 -19.44 -4.53 -7.43
C LEU C 12 -19.69 -6.03 -7.60
N LYS C 13 -20.78 -6.51 -7.02
CA LYS C 13 -21.12 -7.94 -7.06
C LYS C 13 -22.33 -8.23 -7.92
N LEU C 14 -22.19 -9.28 -8.74
CA LEU C 14 -23.24 -9.79 -9.59
C LEU C 14 -23.67 -11.13 -9.07
N MET C 15 -24.93 -11.26 -8.69
CA MET C 15 -25.40 -12.51 -8.13
C MET C 15 -26.74 -12.99 -8.70
N ILE C 16 -26.76 -14.24 -9.14
CA ILE C 16 -27.83 -14.79 -9.97
C ILE C 16 -28.60 -15.93 -9.29
N LYS C 17 -29.93 -15.83 -9.26
CA LYS C 17 -30.80 -16.89 -8.73
C LYS C 17 -31.62 -17.50 -9.86
N ILE C 18 -32.25 -18.64 -9.60
CA ILE C 18 -32.93 -19.36 -10.67
C ILE C 18 -34.27 -19.96 -10.20
N ASN C 19 -35.22 -20.06 -11.12
CA ASN C 19 -36.55 -20.59 -10.80
C ASN C 19 -36.74 -22.09 -11.14
N GLU C 20 -36.95 -22.92 -10.12
CA GLU C 20 -37.34 -24.31 -10.31
C GLU C 20 -38.77 -24.33 -10.88
N ALA C 21 -38.97 -25.04 -11.99
CA ALA C 21 -40.21 -24.92 -12.76
C ALA C 21 -40.44 -26.08 -13.73
N VAL C 22 -41.66 -26.61 -13.68
CA VAL C 22 -42.01 -27.72 -14.55
C VAL C 22 -42.94 -27.24 -15.62
N PHE C 23 -42.45 -27.24 -16.86
CA PHE C 23 -43.26 -26.90 -18.02
C PHE C 23 -43.95 -28.10 -18.69
N TYR C 24 -45.26 -27.99 -18.89
CA TYR C 24 -46.07 -29.10 -19.41
C TYR C 24 -46.32 -29.05 -20.90
N ASP C 25 -46.74 -27.90 -21.40
CA ASP C 25 -47.18 -27.73 -22.78
C ASP C 25 -45.92 -27.66 -23.65
N ARG C 26 -45.12 -26.63 -23.38
CA ARG C 26 -43.98 -26.22 -24.19
C ARG C 26 -43.43 -25.06 -23.38
N ILE C 27 -42.32 -24.52 -23.87
CA ILE C 27 -41.67 -23.43 -23.19
C ILE C 27 -41.89 -22.25 -24.11
N THR C 28 -42.54 -21.25 -23.52
CA THR C 28 -42.93 -20.00 -24.15
C THR C 28 -41.72 -19.11 -24.42
N SER C 29 -41.82 -18.23 -25.41
CA SER C 29 -40.76 -17.25 -25.66
C SER C 29 -40.80 -16.09 -24.65
N ASN C 30 -39.70 -15.92 -23.93
CA ASN C 30 -39.54 -14.89 -22.92
C ASN C 30 -40.18 -15.26 -21.60
N LYS C 31 -40.37 -16.55 -21.35
CA LYS C 31 -40.64 -16.99 -20.00
C LYS C 31 -39.39 -16.62 -19.23
N ILE C 32 -39.60 -15.92 -18.14
CA ILE C 32 -38.52 -15.61 -17.23
C ILE C 32 -38.13 -16.91 -16.54
N ILE C 33 -36.85 -17.20 -16.53
CA ILE C 33 -36.38 -18.45 -16.01
C ILE C 33 -35.35 -18.26 -14.88
N GLY C 34 -35.16 -17.02 -14.48
CA GLY C 34 -34.25 -16.71 -13.41
C GLY C 34 -33.85 -15.26 -13.46
N THR C 35 -33.13 -14.82 -12.44
CA THR C 35 -32.86 -13.39 -12.26
C THR C 35 -31.53 -13.14 -11.57
N GLY C 36 -30.90 -12.03 -11.95
CA GLY C 36 -29.69 -11.55 -11.31
C GLY C 36 -29.94 -10.28 -10.54
N HIS C 37 -29.38 -10.23 -9.34
CA HIS C 37 -29.36 -9.05 -8.48
C HIS C 37 -27.95 -8.50 -8.50
N LEU C 38 -27.85 -7.17 -8.63
CA LEU C 38 -26.57 -6.43 -8.65
C LEU C 38 -26.28 -5.77 -7.32
N PHE C 39 -25.00 -5.61 -7.01
CA PHE C 39 -24.59 -4.98 -5.75
C PHE C 39 -23.96 -3.62 -5.99
N ASN C 40 -24.06 -2.74 -4.99
CA ASN C 40 -23.59 -1.37 -5.12
C ASN C 40 -24.49 -0.80 -6.21
N ARG C 41 -23.87 -0.35 -7.29
CA ARG C 41 -24.63 -0.04 -8.51
C ARG C 41 -25.15 1.39 -8.36
N GLU C 42 -24.80 1.99 -7.24
CA GLU C 42 -25.17 3.35 -6.85
C GLU C 42 -24.26 4.37 -7.53
N GLY C 43 -24.70 4.85 -8.70
CA GLY C 43 -23.93 5.84 -9.44
C GLY C 43 -23.10 5.39 -10.64
N LYS C 44 -23.25 4.14 -11.08
CA LYS C 44 -22.52 3.66 -12.25
C LYS C 44 -23.31 3.13 -13.44
N LYS C 45 -22.90 3.54 -14.64
CA LYS C 45 -23.57 3.12 -15.87
C LYS C 45 -23.13 1.69 -16.18
N ILE C 46 -24.10 0.78 -16.32
CA ILE C 46 -23.78 -0.66 -16.37
C ILE C 46 -24.16 -1.38 -17.66
N LEU C 47 -23.15 -1.95 -18.34
CA LEU C 47 -23.40 -2.88 -19.44
C LEU C 47 -23.49 -4.30 -18.89
N ILE C 48 -24.14 -5.15 -19.67
CA ILE C 48 -24.33 -6.53 -19.32
C ILE C 48 -24.14 -7.31 -20.59
N SER C 49 -23.26 -8.30 -20.56
CA SER C 49 -22.99 -9.20 -21.64
C SER C 49 -22.69 -10.63 -21.30
N SER C 50 -22.10 -11.35 -22.24
CA SER C 50 -21.84 -12.78 -22.10
C SER C 50 -20.65 -13.23 -22.91
N SER C 51 -19.72 -13.89 -22.21
CA SER C 51 -18.55 -14.49 -22.82
C SER C 51 -18.93 -15.46 -23.98
N LEU C 52 -20.10 -16.05 -23.76
CA LEU C 52 -20.72 -16.91 -24.75
C LEU C 52 -21.13 -16.34 -26.09
N GLU C 53 -21.44 -17.25 -27.02
CA GLU C 53 -21.86 -16.94 -28.39
C GLU C 53 -23.10 -16.06 -28.41
N LYS C 54 -23.05 -14.98 -29.19
CA LYS C 54 -24.23 -14.11 -29.36
C LYS C 54 -25.18 -14.73 -30.38
N ILE C 55 -26.47 -14.54 -30.17
CA ILE C 55 -27.46 -14.82 -31.22
C ILE C 55 -27.47 -13.59 -32.15
N LYS C 56 -27.27 -13.82 -33.45
CA LYS C 56 -27.07 -12.72 -34.39
C LYS C 56 -28.17 -11.66 -34.29
N ASN C 57 -29.41 -12.06 -34.55
CA ASN C 57 -30.50 -11.10 -34.71
C ASN C 57 -30.84 -10.22 -33.50
N THR C 58 -30.24 -10.50 -32.33
CA THR C 58 -30.64 -9.80 -31.09
C THR C 58 -29.51 -9.55 -30.08
N PRO C 59 -29.53 -8.37 -29.41
CA PRO C 59 -28.58 -8.09 -28.34
C PRO C 59 -29.01 -8.68 -27.00
N GLY C 60 -28.02 -9.05 -26.17
CA GLY C 60 -28.26 -9.77 -24.93
C GLY C 60 -28.96 -11.08 -25.20
N ALA C 61 -28.62 -11.68 -26.33
CA ALA C 61 -29.22 -12.94 -26.74
C ALA C 61 -28.07 -13.87 -27.01
N TYR C 62 -28.04 -14.94 -26.26
CA TYR C 62 -26.87 -15.81 -26.24
C TYR C 62 -27.30 -17.25 -26.27
N ILE C 63 -26.60 -18.06 -27.06
CA ILE C 63 -26.88 -19.49 -27.13
C ILE C 63 -25.95 -20.21 -26.17
N ILE C 64 -26.52 -21.13 -25.39
CA ILE C 64 -25.71 -21.97 -24.53
C ILE C 64 -25.66 -23.38 -25.06
N ARG C 65 -24.47 -23.87 -25.37
CA ARG C 65 -24.30 -25.28 -25.76
C ARG C 65 -24.37 -26.25 -24.59
N GLY C 66 -24.54 -27.53 -24.88
CA GLY C 66 -24.88 -28.48 -23.83
C GLY C 66 -23.64 -29.06 -23.21
N GLN C 67 -23.70 -29.31 -21.92
CA GLN C 67 -22.62 -30.00 -21.28
C GLN C 67 -22.50 -31.38 -21.91
N ASN C 68 -23.54 -32.20 -21.79
CA ASN C 68 -23.49 -33.54 -22.38
C ASN C 68 -23.26 -33.52 -23.89
N ASN C 69 -24.03 -32.70 -24.60
CA ASN C 69 -23.89 -32.63 -26.04
C ASN C 69 -23.87 -31.20 -26.55
N SER C 70 -22.72 -30.79 -27.11
CA SER C 70 -22.48 -29.42 -27.50
C SER C 70 -23.36 -28.96 -28.66
N ALA C 71 -24.09 -29.89 -29.27
CA ALA C 71 -25.04 -29.48 -30.30
C ALA C 71 -26.41 -29.10 -29.71
N HIS C 72 -26.65 -29.54 -28.46
CA HIS C 72 -27.84 -29.15 -27.66
C HIS C 72 -27.80 -27.68 -27.36
N LYS C 73 -28.82 -26.94 -27.79
CA LYS C 73 -28.78 -25.47 -27.68
C LYS C 73 -29.81 -24.88 -26.74
N LEU C 74 -29.34 -24.18 -25.72
CA LEU C 74 -30.25 -23.40 -24.91
C LEU C 74 -30.04 -21.97 -25.30
N ARG C 75 -31.12 -21.32 -25.70
CA ARG C 75 -31.09 -19.99 -26.28
C ARG C 75 -31.78 -19.00 -25.32
N ILE C 76 -31.00 -18.03 -24.83
CA ILE C 76 -31.44 -17.10 -23.76
C ILE C 76 -31.11 -15.68 -24.11
N ARG C 77 -31.59 -14.80 -23.23
CA ARG C 77 -31.58 -13.37 -23.38
C ARG C 77 -31.79 -12.71 -22.02
N ILE C 78 -31.12 -11.59 -21.79
CA ILE C 78 -31.21 -10.87 -20.51
C ILE C 78 -31.60 -9.43 -20.71
N GLY C 79 -32.72 -9.03 -20.11
CA GLY C 79 -33.20 -7.66 -20.25
C GLY C 79 -33.77 -7.30 -18.91
N GLY C 80 -34.73 -6.40 -18.91
CA GLY C 80 -35.43 -6.05 -17.69
C GLY C 80 -36.08 -4.70 -17.78
N GLU C 81 -36.92 -4.41 -16.79
CA GLU C 81 -37.73 -3.20 -16.77
C GLU C 81 -36.97 -1.98 -17.33
N ASP C 82 -35.76 -1.74 -16.82
CA ASP C 82 -35.02 -0.53 -17.19
C ASP C 82 -33.73 -0.76 -18.00
N TRP C 83 -33.69 -1.86 -18.75
CA TRP C 83 -32.54 -2.20 -19.60
C TRP C 83 -32.91 -2.10 -21.05
N GLN C 84 -32.02 -1.55 -21.84
CA GLN C 84 -32.24 -1.52 -23.28
C GLN C 84 -30.92 -1.66 -24.04
N PRO C 85 -30.98 -2.38 -25.16
CA PRO C 85 -29.79 -2.76 -25.90
C PRO C 85 -29.13 -1.55 -26.53
N ASP C 86 -27.95 -1.74 -27.12
CA ASP C 86 -27.26 -0.62 -27.74
C ASP C 86 -26.93 -1.17 -29.12
N ASN C 87 -26.99 -0.31 -30.13
CA ASN C 87 -26.76 -0.68 -31.51
C ASN C 87 -25.48 -1.48 -31.75
N SER C 88 -24.58 -1.38 -30.78
CA SER C 88 -23.31 -2.09 -30.79
C SER C 88 -23.58 -3.57 -31.03
N GLY C 89 -24.72 -4.05 -30.52
CA GLY C 89 -25.06 -5.48 -30.55
C GLY C 89 -24.18 -6.31 -29.62
N ILE C 90 -23.66 -5.68 -28.56
CA ILE C 90 -22.68 -6.32 -27.67
C ILE C 90 -23.11 -6.42 -26.20
N GLY C 91 -24.26 -5.83 -25.86
CA GLY C 91 -24.76 -5.88 -24.50
C GLY C 91 -26.08 -5.19 -24.21
N MET C 92 -26.32 -4.89 -22.94
CA MET C 92 -27.58 -4.35 -22.50
C MET C 92 -27.21 -3.39 -21.40
N VAL C 93 -27.93 -2.27 -21.28
CA VAL C 93 -27.46 -1.15 -20.44
C VAL C 93 -28.55 -0.48 -19.63
N SER C 94 -28.28 -0.21 -18.36
CA SER C 94 -29.14 0.61 -17.52
C SER C 94 -28.34 1.82 -17.02
N HIS C 95 -28.83 3.00 -17.35
CA HIS C 95 -28.17 4.24 -16.94
C HIS C 95 -28.72 4.74 -15.64
N SER C 96 -29.95 4.36 -15.34
CA SER C 96 -30.61 4.77 -14.10
C SER C 96 -30.16 3.91 -12.93
N ASP C 97 -29.83 4.55 -11.81
CA ASP C 97 -29.40 3.85 -10.61
C ASP C 97 -30.59 3.30 -9.84
N PHE C 98 -30.32 2.33 -8.97
CA PHE C 98 -31.37 1.72 -8.18
C PHE C 98 -32.08 0.65 -9.01
N THR C 99 -31.52 0.37 -10.20
CA THR C 99 -31.92 -0.81 -10.95
C THR C 99 -31.03 -1.91 -10.41
N ASN C 100 -31.48 -2.59 -9.37
CA ASN C 100 -30.71 -3.63 -8.73
C ASN C 100 -30.83 -4.96 -9.49
N GLU C 101 -31.88 -5.08 -10.33
CA GLU C 101 -32.30 -6.37 -10.91
C GLU C 101 -32.36 -6.47 -12.44
N PHE C 102 -32.48 -7.70 -12.94
CA PHE C 102 -32.73 -8.01 -14.36
C PHE C 102 -33.14 -9.47 -14.52
N ASN C 103 -34.16 -9.72 -15.36
CA ASN C 103 -34.65 -11.08 -15.66
C ASN C 103 -33.73 -11.85 -16.61
N ILE C 104 -33.86 -13.17 -16.62
CA ILE C 104 -33.27 -13.98 -17.70
C ILE C 104 -34.43 -14.62 -18.40
N TYR C 105 -34.48 -14.50 -19.71
CA TYR C 105 -35.60 -15.05 -20.45
C TYR C 105 -35.17 -16.24 -21.26
N PHE C 106 -36.10 -17.17 -21.47
CA PHE C 106 -35.90 -18.19 -22.48
C PHE C 106 -36.00 -17.49 -23.82
N PHE C 107 -35.33 -18.02 -24.84
CA PHE C 107 -35.40 -17.41 -26.17
C PHE C 107 -35.42 -18.38 -27.36
N GLY C 108 -35.75 -19.64 -27.10
CA GLY C 108 -35.93 -20.63 -28.16
C GLY C 108 -37.37 -20.64 -28.60
N ASN C 109 -37.65 -21.39 -29.65
CA ASN C 109 -39.01 -21.56 -30.13
C ASN C 109 -39.38 -23.03 -29.90
N GLY C 110 -40.17 -23.28 -28.87
CA GLY C 110 -40.58 -24.63 -28.53
C GLY C 110 -40.23 -25.23 -27.17
N ASP C 111 -39.30 -26.18 -27.18
CA ASP C 111 -38.83 -26.82 -25.96
C ASP C 111 -37.44 -27.37 -26.26
N ILE C 112 -36.52 -27.25 -25.30
CA ILE C 112 -35.12 -27.60 -25.62
C ILE C 112 -34.64 -28.99 -25.15
N PRO C 113 -33.48 -29.40 -25.65
CA PRO C 113 -32.84 -30.66 -25.28
C PRO C 113 -32.41 -30.87 -23.84
N VAL C 114 -32.53 -32.12 -23.40
CA VAL C 114 -32.14 -32.49 -22.05
C VAL C 114 -30.63 -32.53 -21.82
N ASP C 115 -30.21 -31.76 -20.83
CA ASP C 115 -28.81 -31.43 -20.60
C ASP C 115 -28.64 -30.43 -19.48
N THR C 116 -27.43 -30.30 -18.96
CA THR C 116 -27.18 -29.22 -18.03
C THR C 116 -26.52 -28.11 -18.85
N TYR C 117 -27.06 -26.90 -18.76
CA TYR C 117 -26.51 -25.82 -19.55
C TYR C 117 -25.90 -24.77 -18.66
N LEU C 118 -24.67 -24.41 -18.97
CA LEU C 118 -23.96 -23.46 -18.12
C LEU C 118 -24.01 -22.02 -18.62
N ILE C 119 -24.65 -21.19 -17.83
CA ILE C 119 -24.81 -19.82 -18.20
C ILE C 119 -23.62 -19.04 -17.65
N SER C 120 -23.12 -18.08 -18.42
CA SER C 120 -22.07 -17.18 -17.98
C SER C 120 -22.45 -15.75 -18.23
N ILE C 121 -22.24 -14.91 -17.22
CA ILE C 121 -22.62 -13.51 -17.29
C ILE C 121 -21.50 -12.61 -16.85
N TYR C 122 -21.47 -11.39 -17.42
CA TYR C 122 -20.70 -10.29 -16.83
C TYR C 122 -21.33 -8.90 -16.93
N ALA C 123 -20.98 -8.07 -15.95
CA ALA C 123 -21.19 -6.60 -16.00
C ALA C 123 -19.86 -5.83 -15.85
N THR C 124 -19.74 -4.70 -16.58
CA THR C 124 -18.64 -3.73 -16.43
C THR C 124 -19.21 -2.41 -15.95
N GLU C 125 -18.32 -1.47 -15.58
CA GLU C 125 -18.67 -0.06 -15.48
C GLU C 125 -18.47 0.44 -16.90
N ILE C 126 -19.36 1.29 -17.39
CA ILE C 126 -19.34 1.57 -18.84
C ILE C 126 -18.39 2.70 -19.32
N GLU C 127 -18.76 3.97 -19.11
CA GLU C 127 -17.96 5.09 -19.61
C GLU C 127 -18.00 6.30 -18.68
N VAL C 135 -14.23 2.60 -17.89
CA VAL C 135 -14.33 1.18 -17.62
C VAL C 135 -13.98 0.89 -16.15
N GLY C 136 -13.20 -0.16 -15.94
CA GLY C 136 -12.88 -0.68 -14.62
C GLY C 136 -12.50 -2.14 -14.82
N ASN C 137 -12.91 -3.02 -13.91
CA ASN C 137 -12.72 -4.46 -14.11
C ASN C 137 -14.03 -5.22 -13.90
N LYS C 138 -14.34 -6.20 -14.76
CA LYS C 138 -15.65 -6.89 -14.69
C LYS C 138 -15.90 -7.99 -13.64
N ALA C 139 -17.09 -7.94 -13.03
CA ALA C 139 -17.70 -8.99 -12.25
C ALA C 139 -18.38 -9.96 -13.20
N VAL C 140 -18.26 -11.25 -12.90
CA VAL C 140 -18.76 -12.34 -13.78
C VAL C 140 -19.58 -13.26 -12.87
N VAL C 141 -20.38 -14.13 -13.48
CA VAL C 141 -21.18 -15.10 -12.74
C VAL C 141 -21.51 -16.36 -13.57
N GLN C 142 -21.86 -17.44 -12.89
CA GLN C 142 -22.17 -18.67 -13.59
C GLN C 142 -23.20 -19.55 -12.90
N ALA C 143 -24.22 -19.91 -13.66
CA ALA C 143 -25.28 -20.72 -13.13
C ALA C 143 -25.47 -21.90 -14.05
N ALA C 144 -25.76 -23.05 -13.45
CA ALA C 144 -26.04 -24.23 -14.23
C ALA C 144 -27.52 -24.46 -14.16
N VAL C 145 -28.17 -24.31 -15.31
CA VAL C 145 -29.55 -24.71 -15.47
C VAL C 145 -29.56 -26.14 -15.99
N THR C 146 -30.01 -27.06 -15.13
CA THR C 146 -30.23 -28.45 -15.52
C THR C 146 -31.65 -28.62 -16.06
N ILE C 147 -31.77 -29.07 -17.30
CA ILE C 147 -33.07 -29.49 -17.85
C ILE C 147 -33.18 -31.01 -17.86
N ALA C 148 -34.37 -31.52 -17.57
CA ALA C 148 -34.63 -32.96 -17.40
C ALA C 148 -36.10 -33.30 -17.57
N ALA C 149 -36.38 -34.59 -17.76
CA ALA C 149 -37.71 -35.07 -18.17
C ALA C 149 -38.48 -35.82 -17.09
N LYS C 150 -39.49 -35.17 -16.51
CA LYS C 150 -40.34 -35.80 -15.53
C LYS C 150 -41.40 -36.60 -16.24
N LEU C 151 -41.54 -37.88 -15.92
CA LEU C 151 -42.59 -38.71 -16.50
C LEU C 151 -43.74 -38.98 -15.53
N ASN C 152 -44.97 -38.89 -16.04
CA ASN C 152 -46.17 -39.17 -15.27
C ASN C 152 -47.35 -39.80 -16.02
N LEU D 12 -16.71 -10.70 5.72
CA LEU D 12 -15.80 -9.98 6.65
C LEU D 12 -14.51 -9.60 5.94
N LYS D 13 -14.38 -8.32 5.59
CA LYS D 13 -13.13 -7.78 5.04
C LYS D 13 -12.48 -6.76 5.99
N LEU D 14 -11.15 -6.75 6.02
CA LEU D 14 -10.35 -5.90 6.91
C LEU D 14 -9.38 -4.99 6.15
N MET D 15 -9.63 -3.68 6.18
CA MET D 15 -8.73 -2.70 5.54
C MET D 15 -7.83 -1.95 6.55
N ILE D 16 -6.60 -1.63 6.12
CA ILE D 16 -5.60 -0.93 6.96
C ILE D 16 -5.11 0.33 6.26
N LYS D 17 -5.04 1.44 6.97
CA LYS D 17 -4.60 2.70 6.38
C LYS D 17 -3.51 3.35 7.19
N ILE D 18 -2.32 3.52 6.59
CA ILE D 18 -1.17 4.09 7.28
C ILE D 18 -0.98 5.60 7.15
N ASN D 19 -0.93 6.24 8.31
CA ASN D 19 -0.78 7.68 8.45
C ASN D 19 0.55 8.19 7.91
N GLU D 20 0.53 8.78 6.71
CA GLU D 20 1.71 9.43 6.13
C GLU D 20 2.15 10.57 7.05
N ALA D 21 3.32 10.41 7.69
CA ALA D 21 3.77 11.30 8.79
C ALA D 21 5.27 11.60 8.78
N VAL D 22 5.69 12.58 9.59
CA VAL D 22 7.11 12.93 9.82
C VAL D 22 7.37 13.21 11.31
N PHE D 23 8.39 12.57 11.88
CA PHE D 23 8.72 12.77 13.30
C PHE D 23 10.04 13.47 13.43
N TYR D 24 9.98 14.72 13.84
CA TYR D 24 11.17 15.52 13.97
C TYR D 24 12.00 15.13 15.18
N ASP D 25 11.41 14.35 16.08
CA ASP D 25 12.21 13.82 17.21
C ASP D 25 12.04 12.32 17.45
N ARG D 26 12.82 11.80 18.40
CA ARG D 26 12.83 10.39 18.80
C ARG D 26 11.40 9.91 18.99
N ILE D 27 11.05 8.81 18.32
CA ILE D 27 9.66 8.34 18.29
C ILE D 27 9.24 7.81 19.65
N THR D 28 8.11 8.31 20.11
CA THR D 28 7.53 7.86 21.34
C THR D 28 6.81 6.54 21.07
N SER D 29 7.01 5.60 21.97
CA SER D 29 6.21 4.39 21.99
C SER D 29 4.74 4.71 22.25
N ASN D 30 3.89 3.75 21.89
CA ASN D 30 2.43 3.91 21.89
C ASN D 30 1.93 5.06 21.02
N LYS D 31 2.78 5.53 20.10
CA LYS D 31 2.36 6.50 19.10
C LYS D 31 1.66 5.78 17.95
N ILE D 32 0.56 6.39 17.50
CA ILE D 32 -0.22 5.83 16.43
C ILE D 32 0.43 6.14 15.10
N ILE D 33 0.40 5.19 14.19
CA ILE D 33 1.04 5.32 12.90
C ILE D 33 0.12 4.76 11.83
N GLY D 34 -1.01 4.21 12.28
CA GLY D 34 -1.96 3.60 11.35
C GLY D 34 -3.22 3.12 12.02
N THR D 35 -4.30 3.05 11.23
CA THR D 35 -5.61 2.55 11.65
C THR D 35 -6.01 1.34 10.83
N GLY D 36 -6.69 0.40 11.47
CA GLY D 36 -7.32 -0.71 10.74
C GLY D 36 -8.82 -0.66 10.88
N HIS D 37 -9.52 -0.40 9.78
CA HIS D 37 -10.99 -0.48 9.78
C HIS D 37 -11.39 -1.94 9.65
N LEU D 38 -12.67 -2.23 9.81
CA LEU D 38 -13.17 -3.60 9.86
C LEU D 38 -14.61 -3.71 9.33
N PHE D 39 -14.83 -4.64 8.41
CA PHE D 39 -16.10 -4.67 7.67
C PHE D 39 -16.96 -5.87 7.94
N ASN D 40 -18.23 -5.79 7.52
CA ASN D 40 -19.18 -6.88 7.75
C ASN D 40 -19.20 -7.03 9.26
N ARG D 41 -18.78 -8.20 9.74
CA ARG D 41 -18.69 -8.47 11.16
C ARG D 41 -20.07 -8.68 11.77
N GLU D 42 -20.97 -7.72 11.55
CA GLU D 42 -22.29 -7.77 12.16
C GLU D 42 -22.17 -8.04 13.65
N GLY D 43 -22.65 -9.20 14.07
CA GLY D 43 -22.37 -9.65 15.43
C GLY D 43 -21.37 -10.79 15.35
N LYS D 44 -20.13 -10.56 15.76
CA LYS D 44 -19.12 -11.61 15.69
C LYS D 44 -17.99 -11.23 16.64
N LYS D 45 -17.58 -12.17 17.48
CA LYS D 45 -16.45 -11.94 18.37
C LYS D 45 -15.26 -12.00 17.43
N ILE D 46 -14.48 -10.92 17.39
CA ILE D 46 -13.38 -10.81 16.42
C ILE D 46 -12.00 -10.91 17.10
N LEU D 47 -11.28 -12.00 16.85
CA LEU D 47 -9.87 -12.05 17.23
C LEU D 47 -9.03 -11.35 16.18
N ILE D 48 -8.00 -10.64 16.65
CA ILE D 48 -7.14 -9.83 15.79
C ILE D 48 -5.65 -10.10 16.05
N SER D 49 -4.91 -10.44 15.00
CA SER D 49 -3.54 -10.94 15.16
C SER D 49 -2.72 -10.92 13.86
N SER D 50 -1.43 -11.15 14.00
CA SER D 50 -0.51 -11.14 12.90
C SER D 50 0.14 -12.51 12.81
N SER D 51 0.76 -12.83 11.69
CA SER D 51 1.41 -14.13 11.57
C SER D 51 2.89 -14.00 11.85
N LEU D 52 3.30 -12.79 12.22
CA LEU D 52 4.71 -12.51 12.39
C LEU D 52 5.33 -13.01 13.65
N GLU D 53 6.64 -12.80 13.74
CA GLU D 53 7.36 -12.96 14.99
C GLU D 53 6.56 -12.22 16.01
N LYS D 54 6.02 -12.96 16.97
CA LYS D 54 5.44 -12.34 18.15
C LYS D 54 6.49 -11.75 19.09
N ILE D 55 6.10 -10.66 19.74
CA ILE D 55 6.86 -10.07 20.84
C ILE D 55 6.35 -10.77 22.11
N LYS D 56 7.28 -11.22 22.95
CA LYS D 56 6.95 -12.13 24.04
C LYS D 56 6.43 -11.43 25.29
N ASN D 57 6.66 -10.13 25.37
CA ASN D 57 6.29 -9.32 26.52
C ASN D 57 4.82 -8.90 26.57
N THR D 58 4.06 -9.20 25.53
CA THR D 58 2.88 -8.46 25.30
C THR D 58 2.13 -9.03 24.11
N PRO D 59 0.81 -9.18 24.25
CA PRO D 59 -0.01 -9.71 23.16
C PRO D 59 -0.33 -8.65 22.12
N GLY D 60 -0.48 -9.07 20.86
CA GLY D 60 -0.79 -8.15 19.78
C GLY D 60 0.38 -7.25 19.45
N ALA D 61 1.58 -7.69 19.79
CA ALA D 61 2.79 -6.92 19.53
C ALA D 61 3.72 -7.82 18.75
N TYR D 62 4.24 -7.32 17.64
CA TYR D 62 4.98 -8.16 16.70
C TYR D 62 6.25 -7.47 16.17
N ILE D 63 7.10 -8.23 15.49
CA ILE D 63 8.33 -7.70 14.91
C ILE D 63 8.40 -7.86 13.39
N ILE D 64 8.54 -6.75 12.68
CA ILE D 64 8.74 -6.76 11.22
C ILE D 64 10.23 -6.55 10.88
N ARG D 65 10.73 -7.38 9.96
CA ARG D 65 12.13 -7.30 9.58
C ARG D 65 12.27 -6.45 8.35
N GLY D 66 13.43 -5.84 8.19
CA GLY D 66 13.70 -4.97 7.07
C GLY D 66 13.68 -5.80 5.84
N GLN D 67 13.03 -5.30 4.81
CA GLN D 67 13.06 -5.92 3.51
C GLN D 67 14.48 -5.91 2.95
N ASN D 68 15.14 -4.76 3.06
CA ASN D 68 16.50 -4.52 2.59
C ASN D 68 17.54 -5.25 3.40
N ASN D 69 17.45 -5.15 4.73
CA ASN D 69 18.37 -5.84 5.60
C ASN D 69 17.56 -6.33 6.79
N SER D 70 17.35 -7.64 6.88
CA SER D 70 16.46 -8.20 7.90
C SER D 70 16.93 -7.96 9.35
N ALA D 71 18.19 -7.56 9.50
CA ALA D 71 18.72 -7.18 10.81
C ALA D 71 17.80 -6.10 11.41
N HIS D 72 17.32 -5.21 10.52
CA HIS D 72 16.43 -4.09 10.85
C HIS D 72 15.15 -4.53 11.47
N LYS D 73 14.80 -3.93 12.59
CA LYS D 73 13.60 -4.34 13.31
C LYS D 73 12.72 -3.15 13.64
N LEU D 74 11.45 -3.23 13.24
CA LEU D 74 10.40 -2.30 13.65
C LEU D 74 9.41 -3.06 14.53
N ARG D 75 9.06 -2.47 15.67
CA ARG D 75 8.20 -3.14 16.64
C ARG D 75 6.88 -2.42 16.77
N ILE D 76 5.79 -3.16 16.58
CA ILE D 76 4.46 -2.58 16.50
C ILE D 76 3.51 -3.25 17.46
N ARG D 77 2.40 -2.56 17.72
CA ARG D 77 1.37 -3.03 18.65
C ARG D 77 0.08 -2.69 17.95
N ILE D 78 -0.87 -3.59 18.03
CA ILE D 78 -2.21 -3.34 17.50
C ILE D 78 -3.23 -3.38 18.61
N GLY D 79 -3.75 -2.22 18.93
CA GLY D 79 -4.72 -2.14 19.99
C GLY D 79 -5.92 -1.44 19.49
N GLY D 80 -6.40 -0.51 20.30
CA GLY D 80 -7.67 0.18 20.09
C GLY D 80 -8.28 0.35 21.47
N GLU D 81 -8.70 1.57 21.77
CA GLU D 81 -9.30 1.91 23.04
C GLU D 81 -10.51 1.04 23.39
N ASP D 82 -10.91 0.16 22.45
CA ASP D 82 -12.04 -0.78 22.66
C ASP D 82 -11.66 -2.27 22.65
N TRP D 83 -10.36 -2.56 22.48
CA TRP D 83 -9.82 -3.93 22.35
C TRP D 83 -9.21 -4.46 23.62
N GLN D 84 -9.15 -5.79 23.74
CA GLN D 84 -8.50 -6.42 24.89
C GLN D 84 -7.82 -7.76 24.60
N PRO D 85 -6.67 -8.02 25.24
CA PRO D 85 -5.89 -9.23 24.94
C PRO D 85 -6.54 -10.48 25.52
N ASP D 86 -6.17 -11.65 25.03
CA ASP D 86 -6.56 -12.86 25.72
C ASP D 86 -5.41 -13.19 26.64
N ASN D 87 -5.69 -13.83 27.77
CA ASN D 87 -4.61 -14.30 28.63
C ASN D 87 -3.74 -15.32 27.89
N SER D 88 -4.22 -15.71 26.71
CA SER D 88 -3.52 -16.64 25.80
C SER D 88 -2.39 -15.96 25.04
N GLY D 89 -2.48 -14.63 24.92
CA GLY D 89 -1.49 -13.85 24.18
C GLY D 89 -1.40 -14.34 22.76
N ILE D 90 -2.54 -14.36 22.08
CA ILE D 90 -2.56 -14.73 20.68
C ILE D 90 -3.04 -13.54 19.88
N GLY D 91 -3.79 -12.66 20.54
CA GLY D 91 -4.21 -11.44 19.88
C GLY D 91 -5.03 -10.50 20.74
N MET D 92 -5.73 -9.58 20.09
CA MET D 92 -6.64 -8.73 20.80
C MET D 92 -8.05 -9.13 20.43
N VAL D 93 -9.00 -8.95 21.35
CA VAL D 93 -10.36 -9.44 21.16
C VAL D 93 -11.42 -8.34 21.35
N SER D 94 -12.36 -8.27 20.40
CA SER D 94 -13.52 -7.38 20.49
C SER D 94 -14.81 -8.16 20.59
N HIS D 95 -15.72 -7.64 21.41
CA HIS D 95 -16.99 -8.28 21.70
C HIS D 95 -18.15 -7.55 21.08
N SER D 96 -18.11 -6.22 21.12
CA SER D 96 -19.18 -5.35 20.63
C SER D 96 -19.30 -5.30 19.11
N ASP D 97 -20.51 -5.51 18.60
CA ASP D 97 -20.75 -5.46 17.16
C ASP D 97 -20.56 -4.07 16.54
N PHE D 98 -20.09 -3.11 17.33
CA PHE D 98 -19.87 -1.76 16.82
C PHE D 98 -18.45 -1.18 16.96
N THR D 99 -17.45 -2.06 17.09
CA THR D 99 -16.06 -1.63 17.09
C THR D 99 -15.65 -1.65 15.64
N ASN D 100 -15.55 -0.47 15.04
CA ASN D 100 -15.17 -0.35 13.64
C ASN D 100 -13.64 -0.27 13.46
N GLU D 101 -12.98 0.57 14.25
CA GLU D 101 -11.55 0.80 14.10
C GLU D 101 -10.74 0.03 15.11
N PHE D 102 -9.42 0.09 14.90
CA PHE D 102 -8.42 -0.30 15.87
C PHE D 102 -7.11 0.29 15.38
N ASN D 103 -6.11 0.44 16.24
CA ASN D 103 -4.93 1.21 15.84
C ASN D 103 -3.67 0.34 15.79
N ILE D 104 -2.70 0.75 14.97
CA ILE D 104 -1.36 0.18 15.02
C ILE D 104 -0.45 1.18 15.76
N TYR D 105 0.35 0.69 16.68
CA TYR D 105 1.25 1.55 17.44
C TYR D 105 2.68 1.22 17.20
N PHE D 106 3.53 2.25 17.14
CA PHE D 106 4.93 2.02 17.42
C PHE D 106 5.02 1.59 18.88
N PHE D 107 5.82 0.55 19.07
CA PHE D 107 5.97 -0.07 20.36
C PHE D 107 7.43 -0.41 20.60
N GLY D 108 8.30 0.52 20.23
CA GLY D 108 9.71 0.36 20.52
C GLY D 108 10.26 1.61 21.16
N ASN D 109 11.59 1.69 21.18
CA ASN D 109 12.28 2.82 21.77
C ASN D 109 13.24 3.45 20.77
N GLY D 110 13.12 4.77 20.62
CA GLY D 110 13.98 5.56 19.75
C GLY D 110 13.89 5.43 18.25
N ASP D 111 15.04 5.44 17.57
CA ASP D 111 15.06 5.46 16.10
C ASP D 111 14.78 4.14 15.37
N ILE D 112 13.98 4.23 14.31
CA ILE D 112 13.75 3.16 13.36
C ILE D 112 14.73 3.27 12.21
N PRO D 113 15.49 2.20 11.95
CA PRO D 113 16.44 2.23 10.84
C PRO D 113 15.71 2.28 9.51
N VAL D 114 15.90 3.34 8.73
CA VAL D 114 15.16 3.48 7.50
C VAL D 114 15.23 2.23 6.60
N ASP D 115 14.06 1.71 6.21
CA ASP D 115 13.93 0.48 5.41
C ASP D 115 12.46 0.33 5.03
N THR D 116 12.10 -0.70 4.29
CA THR D 116 10.69 -0.98 4.01
C THR D 116 10.39 -2.11 4.95
N TYR D 117 9.21 -2.04 5.54
CA TYR D 117 8.80 -3.01 6.53
C TYR D 117 7.44 -3.47 6.07
N LEU D 118 7.29 -4.77 5.88
CA LEU D 118 5.99 -5.26 5.46
C LEU D 118 5.17 -5.78 6.63
N ILE D 119 4.18 -5.00 7.07
CA ILE D 119 3.25 -5.47 8.11
C ILE D 119 2.10 -6.28 7.50
N SER D 120 1.77 -7.39 8.16
CA SER D 120 0.68 -8.21 7.77
C SER D 120 -0.10 -8.46 9.05
N ILE D 121 -1.42 -8.46 8.92
CA ILE D 121 -2.29 -8.53 10.05
C ILE D 121 -3.49 -9.29 9.62
N TYR D 122 -4.17 -9.98 10.53
CA TYR D 122 -5.41 -10.63 10.18
C TYR D 122 -6.42 -10.63 11.33
N ALA D 123 -7.64 -11.01 10.99
CA ALA D 123 -8.79 -11.05 11.89
C ALA D 123 -9.62 -12.32 11.66
N THR D 124 -10.58 -12.59 12.55
CA THR D 124 -11.41 -13.81 12.52
C THR D 124 -12.66 -13.68 13.40
N GLU D 125 -13.61 -14.61 13.23
CA GLU D 125 -14.67 -14.81 14.22
C GLU D 125 -14.16 -15.88 15.17
N ILE D 126 -14.66 -15.81 16.41
CA ILE D 126 -14.34 -16.78 17.45
C ILE D 126 -15.50 -16.91 18.44
N GLN D 132 -11.99 -20.22 23.36
CA GLN D 132 -12.50 -19.91 22.02
C GLN D 132 -11.66 -20.56 20.89
N GLY D 133 -12.20 -20.57 19.68
CA GLY D 133 -11.46 -21.05 18.53
C GLY D 133 -11.72 -20.12 17.36
N PHE D 134 -10.88 -20.21 16.32
CA PHE D 134 -11.04 -19.42 15.11
C PHE D 134 -12.30 -19.92 14.41
N VAL D 135 -13.12 -19.02 13.87
CA VAL D 135 -14.24 -19.49 13.04
C VAL D 135 -14.04 -19.39 11.53
N GLY D 136 -14.50 -20.44 10.88
CA GLY D 136 -14.41 -20.51 9.45
C GLY D 136 -13.09 -19.89 9.07
N ASN D 137 -13.18 -18.85 8.24
CA ASN D 137 -12.07 -18.44 7.41
C ASN D 137 -11.70 -16.97 7.55
N LYS D 138 -10.40 -16.76 7.77
CA LYS D 138 -9.73 -15.46 7.96
C LYS D 138 -9.85 -14.36 6.91
N ALA D 139 -9.70 -13.11 7.33
CA ALA D 139 -9.45 -12.02 6.40
C ALA D 139 -8.00 -11.69 6.64
N VAL D 140 -7.28 -11.14 5.66
CA VAL D 140 -5.89 -10.76 5.90
C VAL D 140 -5.56 -9.49 5.12
N VAL D 141 -4.71 -8.64 5.69
CA VAL D 141 -4.18 -7.53 4.93
C VAL D 141 -2.68 -7.55 5.22
N GLN D 142 -1.93 -6.88 4.36
CA GLN D 142 -0.53 -6.65 4.56
C GLN D 142 -0.32 -5.29 3.94
N ALA D 143 0.70 -4.55 4.38
CA ALA D 143 0.91 -3.19 3.88
C ALA D 143 2.33 -2.76 4.15
N ALA D 144 2.98 -2.25 3.10
CA ALA D 144 4.30 -1.66 3.22
C ALA D 144 4.23 -0.36 4.04
N VAL D 145 5.14 -0.21 4.98
CA VAL D 145 5.31 1.08 5.61
C VAL D 145 6.80 1.35 5.48
N THR D 146 7.10 2.55 5.01
CA THR D 146 8.49 2.86 4.71
C THR D 146 9.07 3.99 5.52
N ILE D 147 10.20 3.71 6.14
CA ILE D 147 10.96 4.72 6.81
C ILE D 147 12.07 5.21 5.91
N ALA D 148 12.21 6.52 5.91
CA ALA D 148 13.22 7.22 5.14
C ALA D 148 13.91 8.22 6.04
N ALA D 149 14.98 8.82 5.54
CA ALA D 149 15.69 9.82 6.31
C ALA D 149 15.62 11.07 5.51
N LYS D 150 14.69 11.96 5.84
CA LYS D 150 14.64 13.28 5.23
C LYS D 150 15.62 14.21 5.88
N LEU D 151 16.47 14.78 5.04
CA LEU D 151 17.35 15.86 5.46
C LEU D 151 16.90 17.26 5.08
N ASN D 152 16.92 18.20 6.03
CA ASN D 152 16.71 19.59 5.69
C ASN D 152 17.66 20.56 6.40
N LEU E 12 -37.85 -37.27 -2.91
CA LEU E 12 -36.41 -37.28 -2.52
C LEU E 12 -35.64 -36.11 -3.15
N LYS E 13 -35.68 -34.95 -2.49
CA LYS E 13 -34.98 -33.76 -2.99
C LYS E 13 -33.53 -33.66 -2.49
N LEU E 14 -32.63 -33.35 -3.41
CA LEU E 14 -31.21 -33.18 -3.10
C LEU E 14 -30.79 -31.69 -3.23
N MET E 15 -30.34 -31.10 -2.14
CA MET E 15 -30.09 -29.65 -2.14
C MET E 15 -28.69 -29.19 -1.77
N ILE E 16 -28.15 -28.31 -2.59
CA ILE E 16 -26.79 -27.83 -2.45
C ILE E 16 -26.77 -26.35 -2.02
N LYS E 17 -25.59 -25.97 -1.56
CA LYS E 17 -25.32 -24.72 -0.88
C LYS E 17 -23.80 -24.64 -0.83
N ILE E 18 -23.27 -23.64 -1.51
CA ILE E 18 -21.88 -23.51 -1.87
C ILE E 18 -21.49 -22.22 -1.20
N ASN E 19 -20.51 -22.32 -0.33
CA ASN E 19 -20.17 -21.26 0.59
C ASN E 19 -19.14 -20.31 0.00
N GLU E 20 -19.46 -19.05 -0.08
CA GLU E 20 -18.65 -18.14 -0.78
C GLU E 20 -17.49 -17.53 0.03
N ALA E 21 -16.30 -18.09 -0.12
CA ALA E 21 -15.16 -17.77 0.76
C ALA E 21 -13.94 -17.23 0.00
N VAL E 22 -13.01 -16.61 0.75
CA VAL E 22 -11.80 -16.03 0.19
C VAL E 22 -10.61 -16.62 0.94
N PHE E 23 -9.71 -17.31 0.22
CA PHE E 23 -8.56 -17.96 0.84
C PHE E 23 -7.43 -17.00 0.68
N TYR E 24 -6.52 -17.01 1.64
CA TYR E 24 -5.26 -16.28 1.49
C TYR E 24 -4.21 -17.35 1.72
N ASP E 25 -4.69 -18.41 2.35
CA ASP E 25 -3.93 -19.57 2.71
C ASP E 25 -4.05 -20.52 1.54
N ARG E 26 -2.90 -21.10 1.23
CA ARG E 26 -2.75 -22.10 0.18
C ARG E 26 -3.63 -23.22 0.65
N ILE E 27 -4.42 -23.77 -0.24
CA ILE E 27 -5.63 -24.44 0.22
C ILE E 27 -5.36 -25.72 0.98
N THR E 28 -5.91 -25.80 2.18
CA THR E 28 -5.93 -27.04 2.93
C THR E 28 -6.98 -27.95 2.37
N SER E 29 -6.54 -29.06 1.82
CA SER E 29 -7.41 -30.13 1.36
C SER E 29 -8.21 -30.56 2.58
N ASN E 30 -9.13 -31.50 2.38
CA ASN E 30 -10.06 -31.84 3.43
C ASN E 30 -10.44 -30.53 4.15
N LYS E 31 -10.69 -29.47 3.38
CA LYS E 31 -11.07 -28.17 3.92
C LYS E 31 -12.42 -27.82 3.32
N ILE E 32 -13.38 -27.54 4.21
CA ILE E 32 -14.76 -27.32 3.82
C ILE E 32 -14.89 -26.30 2.71
N ILE E 33 -15.64 -26.66 1.67
CA ILE E 33 -15.85 -25.76 0.54
C ILE E 33 -17.33 -25.59 0.24
N GLY E 34 -18.07 -26.69 0.30
CA GLY E 34 -19.51 -26.66 0.03
C GLY E 34 -20.25 -27.72 0.83
N THR E 35 -21.54 -27.47 1.07
CA THR E 35 -22.44 -28.46 1.71
C THR E 35 -23.59 -28.88 0.78
N GLY E 36 -24.09 -30.09 0.95
CA GLY E 36 -25.24 -30.56 0.18
C GLY E 36 -26.23 -31.17 1.14
N HIS E 37 -27.30 -30.43 1.45
CA HIS E 37 -28.34 -30.93 2.36
C HIS E 37 -29.48 -31.66 1.69
N LEU E 38 -29.60 -32.93 2.03
CA LEU E 38 -30.58 -33.84 1.43
C LEU E 38 -31.99 -33.60 1.98
N PHE E 39 -33.01 -34.00 1.22
CA PHE E 39 -34.40 -33.82 1.64
C PHE E 39 -35.24 -35.05 1.29
N ILE E 46 -29.37 -45.29 1.03
CA ILE E 46 -28.91 -43.98 0.48
C ILE E 46 -27.44 -43.87 0.06
N LEU E 47 -27.24 -43.97 -1.26
CA LEU E 47 -25.96 -43.69 -1.87
C LEU E 47 -26.08 -42.23 -2.23
N ILE E 48 -24.92 -41.61 -2.41
CA ILE E 48 -24.77 -40.32 -2.99
C ILE E 48 -23.46 -40.30 -3.73
N SER E 49 -23.48 -39.94 -5.00
CA SER E 49 -22.20 -40.02 -5.67
C SER E 49 -22.28 -39.26 -6.97
N SER E 50 -21.22 -39.31 -7.77
CA SER E 50 -21.18 -38.52 -8.99
C SER E 50 -21.01 -39.18 -10.35
N SER E 51 -21.54 -38.50 -11.37
CA SER E 51 -21.37 -38.87 -12.76
C SER E 51 -19.90 -38.61 -13.21
N LEU E 52 -19.16 -37.80 -12.46
CA LEU E 52 -17.84 -37.31 -12.88
C LEU E 52 -16.65 -38.30 -12.92
N GLU E 53 -15.48 -37.77 -13.29
CA GLU E 53 -14.23 -38.52 -13.40
C GLU E 53 -13.73 -38.94 -12.02
N LYS E 54 -13.13 -40.12 -11.95
CA LYS E 54 -12.87 -40.77 -10.67
C LYS E 54 -11.41 -40.81 -10.23
N ILE E 55 -11.20 -40.63 -8.92
CA ILE E 55 -9.93 -40.82 -8.22
C ILE E 55 -9.83 -42.26 -7.77
N LYS E 56 -8.70 -42.89 -8.10
CA LYS E 56 -8.45 -44.27 -7.75
C LYS E 56 -8.22 -44.45 -6.25
N ASN E 57 -7.23 -43.73 -5.71
CA ASN E 57 -6.72 -43.91 -4.35
C ASN E 57 -7.73 -43.73 -3.20
N THR E 58 -8.82 -43.01 -3.48
CA THR E 58 -9.87 -42.78 -2.49
C THR E 58 -11.21 -42.70 -3.24
N PRO E 59 -12.29 -43.28 -2.66
CA PRO E 59 -13.67 -43.14 -3.16
C PRO E 59 -14.39 -41.93 -2.57
N GLY E 60 -15.55 -41.57 -3.14
CA GLY E 60 -16.16 -40.28 -2.80
C GLY E 60 -15.14 -39.21 -3.12
N ALA E 61 -14.28 -39.52 -4.09
CA ALA E 61 -13.20 -38.63 -4.48
C ALA E 61 -13.15 -38.50 -6.01
N TYR E 62 -13.19 -37.25 -6.46
CA TYR E 62 -13.31 -36.94 -7.89
C TYR E 62 -12.49 -35.74 -8.38
N ILE E 63 -12.60 -35.55 -9.69
CA ILE E 63 -11.83 -34.58 -10.42
C ILE E 63 -12.77 -33.78 -11.30
N ILE E 64 -12.80 -32.46 -11.10
CA ILE E 64 -13.56 -31.59 -11.97
C ILE E 64 -12.67 -30.79 -12.89
N ARG E 65 -13.15 -30.58 -14.11
CA ARG E 65 -12.32 -29.99 -15.15
C ARG E 65 -12.80 -28.59 -15.56
N GLY E 66 -11.84 -27.70 -15.75
CA GLY E 66 -12.13 -26.32 -16.14
C GLY E 66 -13.01 -26.25 -17.38
N GLN E 67 -13.86 -25.22 -17.40
CA GLN E 67 -14.76 -24.93 -18.53
C GLN E 67 -14.05 -24.08 -19.58
N ASN E 68 -13.16 -23.22 -19.10
CA ASN E 68 -12.42 -22.33 -19.98
C ASN E 68 -11.26 -23.09 -20.61
N ASN E 69 -10.60 -23.91 -19.81
CA ASN E 69 -9.52 -24.74 -20.31
C ASN E 69 -9.62 -26.11 -19.66
N SER E 70 -9.69 -27.15 -20.47
CA SER E 70 -10.05 -28.49 -20.01
C SER E 70 -9.01 -29.14 -19.08
N ALA E 71 -7.82 -28.56 -18.96
CA ALA E 71 -6.71 -29.13 -18.17
C ALA E 71 -6.80 -28.79 -16.68
N HIS E 72 -7.43 -27.66 -16.38
CA HIS E 72 -7.60 -27.21 -15.00
C HIS E 72 -8.36 -28.24 -14.25
N LYS E 73 -7.74 -28.85 -13.24
CA LYS E 73 -8.40 -29.93 -12.55
C LYS E 73 -8.72 -29.56 -11.11
N LEU E 74 -10.00 -29.44 -10.80
CA LEU E 74 -10.42 -29.25 -9.41
C LEU E 74 -10.70 -30.58 -8.74
N ARG E 75 -9.88 -30.92 -7.75
CA ARG E 75 -9.96 -32.21 -7.10
C ARG E 75 -10.73 -32.09 -5.79
N ILE E 76 -11.94 -32.64 -5.78
CA ILE E 76 -12.80 -32.62 -4.60
C ILE E 76 -13.08 -33.99 -3.96
N ARG E 77 -13.66 -33.95 -2.76
CA ARG E 77 -14.07 -35.13 -2.02
C ARG E 77 -15.46 -34.89 -1.46
N ILE E 78 -16.25 -35.94 -1.34
CA ILE E 78 -17.60 -35.83 -0.81
C ILE E 78 -17.99 -36.91 0.20
N GLY E 79 -17.73 -36.62 1.48
CA GLY E 79 -18.04 -37.57 2.54
C GLY E 79 -18.07 -36.90 3.91
N GLY E 80 -19.06 -37.27 4.71
CA GLY E 80 -19.21 -36.72 6.05
C GLY E 80 -19.20 -37.80 7.11
N GLU E 81 -19.32 -37.39 8.37
CA GLU E 81 -19.34 -38.32 9.48
C GLU E 81 -20.37 -39.44 9.47
N ASP E 82 -21.49 -39.19 8.82
CA ASP E 82 -22.57 -40.18 8.72
C ASP E 82 -22.34 -40.89 7.40
N TRP E 83 -21.10 -40.84 6.91
CA TRP E 83 -20.76 -41.47 5.63
C TRP E 83 -19.53 -42.34 5.52
N GLN E 84 -19.68 -43.52 4.92
CA GLN E 84 -18.54 -44.37 4.62
C GLN E 84 -18.88 -45.05 3.33
N PRO E 85 -17.88 -45.45 2.54
CA PRO E 85 -18.19 -45.93 1.21
C PRO E 85 -18.61 -47.38 1.19
N ASP E 86 -18.75 -47.88 -0.04
CA ASP E 86 -18.58 -49.29 -0.31
C ASP E 86 -17.30 -49.48 -1.10
N ASN E 87 -16.51 -50.48 -0.72
CA ASN E 87 -15.26 -50.78 -1.40
C ASN E 87 -15.26 -50.77 -2.94
N SER E 88 -16.40 -51.08 -3.55
CA SER E 88 -16.41 -51.25 -5.00
C SER E 88 -15.68 -50.06 -5.59
N GLY E 89 -15.48 -49.06 -4.74
CA GLY E 89 -14.95 -47.78 -5.16
C GLY E 89 -16.05 -46.94 -5.82
N ILE E 90 -17.28 -47.10 -5.34
CA ILE E 90 -18.45 -46.47 -5.95
C ILE E 90 -18.94 -45.11 -5.46
N GLY E 91 -19.41 -45.04 -4.23
CA GLY E 91 -20.01 -43.82 -3.73
C GLY E 91 -19.92 -43.94 -2.24
N MET E 92 -20.59 -43.01 -1.56
CA MET E 92 -20.60 -42.93 -0.11
C MET E 92 -22.01 -43.17 0.44
N VAL E 93 -22.10 -44.16 1.33
CA VAL E 93 -23.38 -44.66 1.79
C VAL E 93 -23.72 -44.14 3.18
N SER E 94 -24.90 -43.56 3.33
CA SER E 94 -25.43 -43.17 4.63
C SER E 94 -26.55 -44.13 5.00
N HIS E 95 -26.36 -44.88 6.09
CA HIS E 95 -27.35 -45.83 6.53
C HIS E 95 -28.25 -45.21 7.56
N SER E 96 -27.69 -44.29 8.34
CA SER E 96 -28.45 -43.61 9.38
C SER E 96 -29.85 -43.25 8.89
N ASP E 97 -30.80 -43.24 9.80
CA ASP E 97 -32.19 -42.94 9.45
C ASP E 97 -32.51 -41.77 8.53
N PHE E 98 -32.19 -40.56 8.97
CA PHE E 98 -32.51 -39.35 8.24
C PHE E 98 -31.24 -38.52 8.36
N THR E 99 -30.74 -38.42 9.58
CA THR E 99 -29.49 -37.72 9.85
C THR E 99 -29.55 -36.31 9.28
N ASN E 100 -28.58 -35.99 8.42
CA ASN E 100 -28.55 -34.69 7.81
C ASN E 100 -27.78 -34.90 6.52
N GLU E 101 -27.26 -33.82 5.94
CA GLU E 101 -26.51 -33.93 4.68
C GLU E 101 -24.99 -34.15 4.73
N PHE E 102 -24.42 -34.53 3.58
CA PHE E 102 -22.98 -34.74 3.48
C PHE E 102 -22.25 -33.46 3.06
N ASN E 103 -20.93 -33.53 3.01
CA ASN E 103 -20.10 -32.38 2.61
C ASN E 103 -19.16 -32.54 1.43
N ILE E 104 -18.69 -31.39 0.94
CA ILE E 104 -17.79 -31.30 -0.19
C ILE E 104 -16.48 -30.70 0.26
N TYR E 105 -15.40 -31.30 -0.21
CA TYR E 105 -14.11 -31.06 0.35
C TYR E 105 -13.18 -30.84 -0.80
N PHE E 106 -12.29 -29.87 -0.70
CA PHE E 106 -11.12 -29.87 -1.58
C PHE E 106 -10.24 -31.03 -1.12
N PHE E 107 -9.78 -31.83 -2.09
CA PHE E 107 -8.79 -32.88 -1.82
C PHE E 107 -7.73 -32.74 -2.90
N GLY E 108 -6.73 -31.90 -2.65
CA GLY E 108 -5.83 -31.49 -3.71
C GLY E 108 -4.38 -31.30 -3.40
N ASN E 109 -3.58 -31.16 -4.46
CA ASN E 109 -2.14 -30.85 -4.38
C ASN E 109 -1.76 -29.34 -4.65
N GLY E 110 -2.12 -28.45 -3.72
CA GLY E 110 -1.89 -27.03 -3.89
C GLY E 110 -3.06 -26.14 -4.26
N ASP E 111 -2.74 -24.97 -4.83
CA ASP E 111 -3.76 -23.98 -5.18
C ASP E 111 -4.53 -24.39 -6.43
N ILE E 112 -5.41 -23.53 -6.92
CA ILE E 112 -6.17 -23.86 -8.12
C ILE E 112 -6.13 -22.85 -9.28
N PRO E 113 -6.10 -23.35 -10.50
CA PRO E 113 -6.13 -22.50 -11.69
C PRO E 113 -7.46 -21.76 -11.85
N VAL E 114 -7.40 -20.43 -11.98
CA VAL E 114 -8.60 -19.64 -12.08
C VAL E 114 -9.46 -20.21 -13.19
N ASP E 115 -10.64 -20.66 -12.82
CA ASP E 115 -11.59 -21.22 -13.76
C ASP E 115 -12.92 -21.54 -13.09
N THR E 116 -13.93 -21.80 -13.88
CA THR E 116 -15.14 -22.35 -13.33
C THR E 116 -15.10 -23.85 -13.48
N TYR E 117 -15.58 -24.56 -12.45
CA TYR E 117 -15.63 -26.01 -12.45
C TYR E 117 -17.03 -26.47 -12.05
N LEU E 118 -17.51 -27.54 -12.66
CA LEU E 118 -18.92 -27.90 -12.54
C LEU E 118 -19.17 -29.21 -11.80
N ILE E 119 -19.47 -29.12 -10.51
CA ILE E 119 -19.66 -30.32 -9.70
C ILE E 119 -21.07 -30.85 -9.84
N SER E 120 -21.20 -32.12 -10.17
CA SER E 120 -22.52 -32.76 -10.21
C SER E 120 -22.60 -34.00 -9.32
N ILE E 121 -23.48 -33.94 -8.31
CA ILE E 121 -23.75 -35.09 -7.43
C ILE E 121 -25.20 -35.60 -7.57
N TYR E 122 -25.36 -36.92 -7.42
CA TYR E 122 -26.68 -37.54 -7.38
C TYR E 122 -26.87 -38.50 -6.20
N ALA E 123 -28.12 -38.62 -5.75
CA ALA E 123 -28.50 -39.47 -4.62
C ALA E 123 -29.60 -40.46 -5.00
N THR E 124 -29.36 -41.75 -4.78
CA THR E 124 -30.32 -42.80 -5.16
C THR E 124 -30.76 -43.65 -3.96
N GLU E 125 -31.48 -44.74 -4.24
CA GLU E 125 -31.87 -45.75 -3.25
C GLU E 125 -31.33 -47.11 -3.70
N GLY E 136 -35.91 -45.55 -6.31
CA GLY E 136 -36.26 -45.11 -7.65
C GLY E 136 -35.05 -44.92 -8.54
N ASN E 137 -35.15 -43.96 -9.44
CA ASN E 137 -34.04 -43.59 -10.29
C ASN E 137 -33.28 -42.47 -9.59
N LYS E 138 -32.31 -41.87 -10.27
CA LYS E 138 -31.44 -40.87 -9.64
C LYS E 138 -31.93 -39.41 -9.61
N ALA E 139 -31.69 -38.74 -8.47
CA ALA E 139 -31.85 -37.31 -8.29
C ALA E 139 -30.46 -36.73 -8.55
N VAL E 140 -30.43 -35.51 -9.07
CA VAL E 140 -29.20 -34.91 -9.51
C VAL E 140 -29.16 -33.45 -9.07
N VAL E 141 -27.96 -32.89 -9.04
CA VAL E 141 -27.73 -31.52 -8.60
C VAL E 141 -26.35 -31.12 -9.08
N GLN E 142 -26.28 -30.11 -9.93
CA GLN E 142 -25.05 -29.80 -10.62
C GLN E 142 -24.81 -28.33 -10.30
N ALA E 143 -23.65 -28.05 -9.71
CA ALA E 143 -23.32 -26.71 -9.26
C ALA E 143 -22.04 -26.22 -9.89
N ALA E 144 -22.09 -25.00 -10.41
CA ALA E 144 -20.89 -24.34 -10.89
C ALA E 144 -20.08 -23.90 -9.70
N VAL E 145 -18.76 -23.90 -9.86
CA VAL E 145 -17.88 -23.37 -8.85
C VAL E 145 -16.76 -22.54 -9.50
N THR E 146 -16.77 -21.25 -9.21
CA THR E 146 -15.80 -20.33 -9.80
C THR E 146 -14.63 -20.09 -8.90
N ILE E 147 -13.45 -20.49 -9.31
CA ILE E 147 -12.32 -19.90 -8.68
C ILE E 147 -11.88 -18.73 -9.51
N ALA E 148 -11.97 -17.55 -8.91
CA ALA E 148 -11.39 -16.33 -9.49
C ALA E 148 -10.15 -15.91 -8.69
N ALA E 149 -9.51 -14.81 -9.09
CA ALA E 149 -8.31 -14.26 -8.39
C ALA E 149 -8.54 -12.82 -7.91
N LYS E 150 -8.39 -12.60 -6.61
CA LYS E 150 -8.66 -11.28 -6.01
C LYS E 150 -7.38 -10.53 -5.81
N LEU E 151 -7.17 -9.50 -6.63
CA LEU E 151 -6.02 -8.66 -6.35
C LEU E 151 -6.32 -7.49 -5.45
N ASN E 152 -5.54 -7.40 -4.38
CA ASN E 152 -5.69 -6.32 -3.43
C ASN E 152 -4.39 -5.59 -3.13
N LEU F 14 7.21 24.35 5.50
CA LEU F 14 7.48 25.47 6.40
C LEU F 14 8.92 25.97 6.25
N MET F 15 9.06 27.10 5.56
CA MET F 15 10.38 27.69 5.34
C MET F 15 10.61 28.91 6.23
N ILE F 16 11.81 29.47 6.17
CA ILE F 16 12.14 30.64 6.97
C ILE F 16 13.34 31.38 6.37
N LYS F 17 13.38 32.70 6.59
CA LYS F 17 14.47 33.51 6.08
C LYS F 17 14.89 34.58 7.09
N ILE F 18 16.10 34.41 7.64
CA ILE F 18 16.63 35.36 8.61
C ILE F 18 17.41 36.46 7.91
N ASN F 19 17.18 37.72 8.33
CA ASN F 19 17.87 38.85 7.71
C ASN F 19 19.27 39.12 8.25
N GLU F 20 20.23 39.34 7.34
CA GLU F 20 21.59 39.72 7.71
C GLU F 20 21.56 41.21 8.06
N ALA F 21 21.66 41.51 9.35
CA ALA F 21 21.44 42.87 9.87
C ALA F 21 22.58 43.38 10.75
N VAL F 22 22.63 44.71 10.92
CA VAL F 22 23.71 45.39 11.64
C VAL F 22 23.03 46.50 12.45
N PHE F 23 23.28 46.50 13.75
CA PHE F 23 22.54 47.36 14.66
C PHE F 23 23.61 48.09 15.45
N TYR F 24 23.42 49.40 15.61
CA TYR F 24 24.36 50.23 16.34
C TYR F 24 23.96 50.89 17.66
N ASP F 25 22.77 51.48 17.68
CA ASP F 25 22.23 52.07 18.90
C ASP F 25 21.99 50.94 19.88
N ARG F 26 21.08 50.05 19.51
CA ARG F 26 20.74 48.89 20.32
C ARG F 26 19.83 47.97 19.52
N ILE F 27 19.30 46.96 20.19
CA ILE F 27 18.35 46.04 19.60
C ILE F 27 17.04 46.28 20.32
N THR F 28 15.99 46.59 19.57
CA THR F 28 14.68 46.85 20.15
C THR F 28 13.67 45.78 19.74
N ILE F 32 12.12 42.80 13.85
CA ILE F 32 12.03 42.07 12.59
C ILE F 32 13.42 41.59 12.18
N ILE F 33 13.74 40.35 12.51
CA ILE F 33 14.97 39.70 12.14
C ILE F 33 15.00 38.57 11.04
N GLY F 34 13.83 37.96 10.88
CA GLY F 34 13.63 36.92 9.89
C GLY F 34 12.19 36.76 9.43
N THR F 35 12.03 36.43 8.15
CA THR F 35 10.71 36.19 7.57
C THR F 35 10.66 34.83 6.88
N GLY F 36 9.70 34.01 7.27
CA GLY F 36 9.56 32.68 6.72
C GLY F 36 8.46 32.57 5.68
N HIS F 37 8.67 31.72 4.69
CA HIS F 37 7.68 31.52 3.62
C HIS F 37 6.72 30.38 3.82
N LEU F 38 5.57 30.44 3.16
CA LEU F 38 4.55 29.40 3.28
C LEU F 38 4.14 28.87 1.91
N PHE F 39 3.36 27.79 1.91
CA PHE F 39 2.90 27.18 0.68
C PHE F 39 1.59 26.45 0.97
N ASN F 40 0.76 26.28 -0.05
CA ASN F 40 -0.52 25.60 0.10
C ASN F 40 -1.33 26.17 1.26
N ARG F 41 -1.73 25.30 2.18
CA ARG F 41 -2.45 25.73 3.38
C ARG F 41 -3.83 26.39 3.19
N GLU F 42 -4.80 25.60 2.72
CA GLU F 42 -6.17 26.07 2.56
C GLU F 42 -7.15 25.87 3.74
N GLY F 43 -7.47 24.61 4.05
CA GLY F 43 -8.54 24.28 4.97
C GLY F 43 -7.95 23.62 6.20
N LYS F 44 -7.14 24.38 6.94
CA LYS F 44 -6.50 23.87 8.15
C LYS F 44 -6.50 24.91 9.27
N LYS F 45 -6.49 24.43 10.50
CA LYS F 45 -6.48 25.32 11.66
C LYS F 45 -4.98 25.39 11.96
N ILE F 46 -4.41 26.57 11.79
CA ILE F 46 -2.99 26.76 12.04
C ILE F 46 -2.61 27.35 13.38
N LEU F 47 -1.92 26.53 14.17
CA LEU F 47 -1.23 26.97 15.37
C LEU F 47 0.25 27.19 15.05
N ILE F 48 0.90 28.04 15.83
CA ILE F 48 2.30 28.39 15.64
C ILE F 48 2.96 28.56 17.00
N SER F 49 3.78 27.61 17.38
CA SER F 49 4.40 27.66 18.67
C SER F 49 5.79 27.11 18.59
N SER F 50 6.40 26.88 19.75
CA SER F 50 7.76 26.34 19.81
C SER F 50 7.96 25.39 20.98
N SER F 51 8.88 24.46 20.82
CA SER F 51 9.22 23.49 21.87
C SER F 51 10.11 24.13 22.92
N LEU F 52 10.63 25.31 22.60
CA LEU F 52 11.57 26.01 23.49
C LEU F 52 10.95 26.55 24.78
N GLU F 53 11.81 26.97 25.70
CA GLU F 53 11.44 27.57 26.97
C GLU F 53 10.43 28.72 26.80
N LYS F 54 9.30 28.58 27.49
CA LYS F 54 8.22 29.56 27.39
C LYS F 54 8.37 30.61 28.49
N ILE F 55 8.00 31.86 28.21
CA ILE F 55 8.05 32.94 29.21
C ILE F 55 6.73 32.99 30.01
N LYS F 56 6.83 32.84 31.33
CA LYS F 56 5.65 32.78 32.21
C LYS F 56 4.90 34.11 32.31
N ASN F 57 5.50 35.15 31.75
CA ASN F 57 4.88 36.48 31.70
C ASN F 57 3.91 36.62 30.54
N THR F 58 4.26 36.05 29.38
CA THR F 58 3.44 36.19 28.18
C THR F 58 3.49 34.91 27.35
N PRO F 59 2.30 34.42 26.98
CA PRO F 59 2.18 33.24 26.11
C PRO F 59 2.49 33.58 24.66
N GLY F 60 3.28 32.74 24.02
CA GLY F 60 3.70 32.93 22.62
C GLY F 60 5.06 33.59 22.53
N ALA F 61 5.75 33.62 23.67
CA ALA F 61 7.01 34.32 23.82
C ALA F 61 8.05 33.37 24.37
N TYR F 62 9.25 33.43 23.77
CA TYR F 62 10.25 32.41 23.98
C TYR F 62 11.71 32.85 24.24
N ILE F 63 12.29 32.17 25.24
CA ILE F 63 13.70 32.26 25.61
C ILE F 63 14.51 31.34 24.71
N ILE F 64 15.61 31.84 24.15
CA ILE F 64 16.57 30.97 23.48
C ILE F 64 17.92 31.04 24.18
N ARG F 65 18.26 30.00 24.94
CA ARG F 65 19.57 29.94 25.56
C ARG F 65 20.64 29.79 24.47
N GLY F 66 21.91 29.75 24.85
CA GLY F 66 22.99 29.80 23.87
C GLY F 66 23.87 28.55 23.85
N GLN F 67 24.52 28.30 22.71
CA GLN F 67 25.32 27.10 22.53
C GLN F 67 26.58 27.16 23.37
N ASN F 68 27.28 28.30 23.29
CA ASN F 68 28.44 28.49 24.12
C ASN F 68 28.06 28.70 25.58
N ASN F 69 27.26 29.71 25.89
CA ASN F 69 26.81 29.92 27.27
C ASN F 69 25.28 29.89 27.43
N SER F 70 24.79 28.92 28.18
CA SER F 70 23.35 28.72 28.31
C SER F 70 22.65 29.79 29.15
N ALA F 71 23.42 30.60 29.86
CA ALA F 71 22.84 31.69 30.61
C ALA F 71 22.39 32.82 29.67
N HIS F 72 23.09 32.94 28.54
CA HIS F 72 22.73 33.88 27.45
C HIS F 72 21.31 33.69 27.05
N LYS F 73 20.53 34.76 27.04
CA LYS F 73 19.10 34.62 26.80
C LYS F 73 18.63 35.50 25.65
N LEU F 74 18.68 34.99 24.44
CA LEU F 74 17.90 35.63 23.40
C LEU F 74 16.45 35.32 23.72
N ARG F 75 15.57 36.25 23.38
CA ARG F 75 14.18 36.18 23.81
C ARG F 75 13.35 36.91 22.78
N ILE F 76 12.40 36.19 22.18
CA ILE F 76 11.67 36.70 21.01
C ILE F 76 10.24 36.26 20.88
N ARG F 77 9.64 36.69 19.78
CA ARG F 77 8.23 36.53 19.50
C ARG F 77 8.19 36.52 17.98
N ILE F 78 7.09 36.01 17.42
CA ILE F 78 6.89 35.81 16.00
C ILE F 78 5.51 36.10 15.48
N GLY F 79 5.33 36.30 14.18
CA GLY F 79 4.01 36.54 13.62
C GLY F 79 3.95 37.95 13.07
N GLY F 80 2.88 38.66 13.37
CA GLY F 80 2.65 39.98 12.80
C GLY F 80 1.25 40.15 12.25
N GLU F 81 1.10 40.05 10.93
CA GLU F 81 -0.23 40.20 10.32
C GLU F 81 -1.09 38.95 10.19
N ASP F 82 -2.34 39.05 10.66
CA ASP F 82 -3.31 37.98 10.50
C ASP F 82 -2.99 36.87 11.50
N TRP F 83 -2.64 37.29 12.72
CA TRP F 83 -2.32 36.33 13.78
C TRP F 83 -2.77 36.77 15.16
N GLN F 84 -3.23 35.81 15.96
CA GLN F 84 -3.72 36.10 17.32
C GLN F 84 -3.85 34.86 18.22
N PRO F 85 -3.47 34.97 19.50
CA PRO F 85 -3.17 33.82 20.41
C PRO F 85 -4.31 32.96 20.96
N ASP F 86 -3.94 32.10 21.92
CA ASP F 86 -4.88 31.19 22.58
C ASP F 86 -4.64 31.16 24.09
N GLY F 91 0.77 29.26 21.78
CA GLY F 91 0.45 29.40 20.35
C GLY F 91 0.23 30.82 19.84
N MET F 92 -0.04 30.92 18.52
CA MET F 92 -0.53 32.14 17.81
C MET F 92 -1.26 31.81 16.49
N VAL F 93 -2.57 31.59 16.60
CA VAL F 93 -3.43 31.11 15.50
C VAL F 93 -3.72 32.13 14.38
N SER F 94 -3.73 31.62 13.15
CA SER F 94 -4.21 32.38 12.00
C SER F 94 -5.34 31.58 11.33
N HIS F 95 -6.53 31.66 11.91
CA HIS F 95 -7.72 30.96 11.40
C HIS F 95 -7.93 31.24 9.93
N SER F 96 -7.71 32.50 9.53
CA SER F 96 -7.87 32.93 8.15
C SER F 96 -6.76 32.41 7.21
N ASP F 97 -7.02 32.46 5.91
CA ASP F 97 -6.12 31.91 4.88
C ASP F 97 -5.51 32.97 3.94
N GLU F 101 2.31 34.59 5.06
CA GLU F 101 3.49 35.29 5.54
C GLU F 101 3.39 35.58 7.03
N PHE F 102 4.52 35.91 7.64
CA PHE F 102 4.57 36.21 9.08
C PHE F 102 5.91 36.89 9.29
N ASN F 103 6.24 37.20 10.54
CA ASN F 103 7.48 37.90 10.86
C ASN F 103 8.01 37.35 12.18
N ILE F 104 9.31 37.57 12.44
CA ILE F 104 9.91 37.21 13.71
C ILE F 104 10.35 38.49 14.40
N TYR F 105 10.11 38.55 15.70
CA TYR F 105 10.29 39.78 16.44
C TYR F 105 11.07 39.56 17.73
N PHE F 106 12.03 40.45 17.99
CA PHE F 106 12.74 40.51 19.28
C PHE F 106 11.85 41.10 20.38
N PHE F 107 11.97 40.55 21.59
CA PHE F 107 11.14 40.94 22.72
C PHE F 107 11.94 40.96 24.03
N GLY F 110 16.72 45.49 26.32
CA GLY F 110 18.13 45.78 26.02
C GLY F 110 18.82 45.06 24.88
N ASP F 111 20.14 44.93 25.05
CA ASP F 111 20.99 44.14 24.18
C ASP F 111 21.35 42.79 24.82
N ILE F 112 22.00 41.95 24.03
CA ILE F 112 21.98 40.51 24.24
C ILE F 112 23.28 39.90 23.76
N PRO F 113 23.83 38.94 24.51
CA PRO F 113 25.18 38.44 24.34
C PRO F 113 25.57 37.83 23.00
N VAL F 114 26.82 38.08 22.60
CA VAL F 114 27.36 37.48 21.40
C VAL F 114 27.61 35.97 21.48
N ASP F 115 26.85 35.23 20.70
CA ASP F 115 26.73 33.79 20.80
C ASP F 115 25.87 33.43 19.62
N THR F 116 25.67 32.14 19.39
CA THR F 116 24.72 31.74 18.37
C THR F 116 23.51 31.08 19.03
N TYR F 117 22.33 31.44 18.57
CA TYR F 117 21.11 30.98 19.20
C TYR F 117 20.27 30.20 18.23
N LEU F 118 19.89 28.99 18.62
CA LEU F 118 19.18 28.06 17.76
C LEU F 118 17.69 28.12 18.05
N ILE F 119 16.95 28.64 17.07
CA ILE F 119 15.52 28.87 17.18
C ILE F 119 14.73 27.68 16.65
N SER F 120 14.07 26.93 17.53
CA SER F 120 13.21 25.84 17.06
C SER F 120 11.74 26.25 16.95
N ILE F 121 11.15 26.04 15.77
CA ILE F 121 9.74 26.37 15.53
C ILE F 121 8.95 25.13 15.14
N TYR F 122 7.61 25.20 15.22
CA TYR F 122 6.71 24.19 14.61
C TYR F 122 5.23 24.55 14.53
N ALA F 123 4.57 23.97 13.54
CA ALA F 123 3.29 24.46 13.01
C ALA F 123 2.27 23.29 12.84
N THR F 124 1.53 22.94 13.90
CA THR F 124 0.51 21.85 13.88
C THR F 124 -0.60 22.17 12.87
N GLU F 125 -1.47 21.18 12.64
CA GLU F 125 -2.80 21.35 12.04
C GLU F 125 -3.83 21.27 13.17
N ILE F 126 -4.49 22.39 13.47
CA ILE F 126 -5.35 22.50 14.66
C ILE F 126 -6.74 21.90 14.47
N ALA F 139 4.79 20.04 10.84
CA ALA F 139 5.95 20.72 10.26
C ALA F 139 6.84 21.15 11.40
N VAL F 140 8.07 21.56 11.09
CA VAL F 140 8.97 22.15 12.06
C VAL F 140 10.11 22.79 11.32
N VAL F 141 10.65 23.87 11.88
CA VAL F 141 11.87 24.46 11.35
C VAL F 141 12.83 24.80 12.49
N GLN F 142 14.10 24.98 12.12
CA GLN F 142 15.12 25.42 13.04
C GLN F 142 16.17 26.29 12.38
N ALA F 143 16.59 27.36 13.05
CA ALA F 143 17.48 28.33 12.44
C ALA F 143 18.55 28.85 13.39
N ALA F 144 19.74 29.05 12.87
CA ALA F 144 20.80 29.58 13.68
C ALA F 144 20.77 31.08 13.55
N VAL F 145 20.53 31.75 14.66
CA VAL F 145 20.77 33.19 14.76
C VAL F 145 22.13 33.41 15.43
N THR F 146 23.04 34.05 14.69
CA THR F 146 24.37 34.34 15.20
C THR F 146 24.53 35.81 15.52
N ILE F 147 24.84 36.10 16.78
CA ILE F 147 25.15 37.45 17.22
C ILE F 147 26.66 37.65 17.42
N ALA F 148 27.19 38.71 16.82
CA ALA F 148 28.63 39.02 16.89
C ALA F 148 28.93 40.52 16.97
N ALA F 149 30.06 40.84 17.58
CA ALA F 149 30.48 42.21 17.79
C ALA F 149 31.33 42.68 16.62
N LYS F 150 30.85 43.69 15.90
CA LYS F 150 31.63 44.34 14.86
C LYS F 150 32.07 45.66 15.44
N LEU F 151 33.37 45.84 15.64
CA LEU F 151 33.81 47.12 16.15
C LEU F 151 34.50 47.99 15.11
N ASN F 152 33.82 49.06 14.71
CA ASN F 152 34.44 50.10 13.89
C ASN F 152 35.31 51.00 14.76
#